data_9OAU
#
_entry.id   9OAU
#
_cell.length_a   87.216
_cell.length_b   110.570
_cell.length_c   124.260
_cell.angle_alpha   90.000
_cell.angle_beta   90.000
_cell.angle_gamma   90.000
#
_symmetry.space_group_name_H-M   'P 21 21 21'
#
loop_
_entity.id
_entity.type
_entity.pdbx_description
1 polymer '7-47, TNA polymerase'
2 polymer Template
3 polymer Primer
4 non-polymer 'MAGNESIUM ION'
5 non-polymer '1-(3-hydroxypropyl)-2-{(1E,3E,5E)-5-[1-(3-hydroxypropyl)-3,3-dimethyl-1,3-dihydro-2H-indol-2-ylidene]penta-1,3-dien-1-y l}-3,3-dimethyl-3H-indolium'
6 non-polymer GLYCEROL
7 water water
#
loop_
_entity_poly.entity_id
_entity_poly.type
_entity_poly.pdbx_seq_one_letter_code
_entity_poly.pdbx_strand_id
1 'polypeptide(L)'
;MILDTDYITEDGKPVIRIFKKENGEFKIEYDRTFEPYFYALLKDDSAIEEVKKITAERHGTVVTVKRVEKVQKKFLGRPV
EVWKLYFTHPQDVPAIRDRIRAHPAVVDIYEYDIPFAKRYLIDKGLIPMEGDEELTMLAFAIATLYHEGEEFAEGPILMI
SYADEEGARVITWKNVDLPYVDVVSTEREMIKRFLRVVKEKDPDVLITYNGDNFDFAYLKKRCEKLGINFALGRDGSEPK
IQRMGDRFAVEVKGRIHFDLYPVIRRTINLPTYTLEAVYEAVFGKPKEKVYAEEIAQAWETGEGLERVARYSMEDAKVTY
ELGKEFLPMEAQLSRLVGQPLWDVSRSSTGNLVEWYLLRKAYERNELAPNKPDEREYERRLRESYAGGYVKEPEKGLWEN
IVYLDFRSLYPSIIITHNVSPDTLNREGCKEYDVAPQVGHRFCKDFPGFIPSLLGDLLEERQKIKRKMKATVDPLEKKLL
DYRQRRIKILASSYYGYYGYARARWYCKECAESVTAWGRQYIETTIREIEEKFGFKVLYADTDGFFATIPGADAETVKKK
AKEFLDYINAKLPGLLELEYEGFYKRGFFVTKKKYAVIDEEDKITTGGLEIVRRGWSEIAKETQARVLEALLKDGDVEKA
VRIVKEVTEKLSKYEVPPEKLVIHEQITRDLRDYKATGPHVAVAKRLAARGVKIRPGTVISYIVLKGSGRIGDRAISFDE
FDPAKHKYDAEYYIENQVLPAVERILRACGYRKEDLRYQKTRQVGLSAWLTPKGT
;
A
2 'polydeoxyribonucleotide' (DA)(DA)(DA)(DC)(DG)(DT)(DA)(DC)(DG)(DC)(DA)(DG)(DT)(DT)(DC)(DG)(DC)(DG) T
3 'polydeoxyribonucleotide' (DC)(DG)(DC)(DG)(DA)(DA)(DC)(DT)(DG)(DC)(DG)(TFT)(FA2) P
#
# COMPACT_ATOMS: atom_id res chain seq x y z
N MET A 1 -1.66 -27.28 5.64
CA MET A 1 -1.44 -25.86 5.39
C MET A 1 -0.66 -25.22 6.54
N ILE A 2 0.44 -24.55 6.21
CA ILE A 2 1.23 -23.85 7.21
C ILE A 2 0.66 -22.44 7.36
N LEU A 3 0.22 -22.10 8.57
CA LEU A 3 -0.38 -20.80 8.84
C LEU A 3 0.65 -19.74 9.22
N ASP A 4 1.63 -20.11 10.02
CA ASP A 4 2.59 -19.16 10.57
C ASP A 4 3.72 -19.95 11.19
N THR A 5 4.83 -19.25 11.47
CA THR A 5 5.92 -19.80 12.26
C THR A 5 6.47 -18.71 13.15
N ASP A 6 6.84 -19.09 14.37
CA ASP A 6 7.61 -18.23 15.26
C ASP A 6 8.57 -19.13 16.03
N TYR A 7 9.20 -18.57 17.06
CA TYR A 7 10.03 -19.37 17.95
C TYR A 7 9.83 -18.90 19.38
N ILE A 8 10.01 -19.83 20.32
CA ILE A 8 10.06 -19.55 21.74
C ILE A 8 11.37 -20.10 22.28
N THR A 9 11.66 -19.77 23.53
CA THR A 9 12.88 -20.22 24.21
C THR A 9 12.50 -21.12 25.37
N GLU A 10 13.08 -22.32 25.40
CA GLU A 10 12.89 -23.27 26.49
C GLU A 10 14.26 -23.63 27.02
N ASP A 11 14.52 -23.27 28.28
CA ASP A 11 15.80 -23.58 28.95
C ASP A 11 16.98 -23.07 28.14
N GLY A 12 16.86 -21.86 27.60
CA GLY A 12 17.93 -21.24 26.84
C GLY A 12 18.03 -21.67 25.39
N LYS A 13 17.26 -22.66 24.95
CA LYS A 13 17.34 -23.14 23.58
C LYS A 13 16.14 -22.67 22.77
N PRO A 14 16.33 -22.30 21.51
CA PRO A 14 15.20 -21.86 20.69
C PRO A 14 14.40 -23.05 20.19
N VAL A 15 13.08 -22.90 20.22
CA VAL A 15 12.17 -23.93 19.75
C VAL A 15 11.30 -23.28 18.68
N ILE A 16 11.45 -23.74 17.43
CA ILE A 16 10.61 -23.26 16.34
C ILE A 16 9.21 -23.84 16.51
N ARG A 17 8.19 -23.01 16.33
CA ARG A 17 6.80 -23.44 16.34
C ARG A 17 6.21 -23.23 14.96
N ILE A 18 5.75 -24.31 14.34
CA ILE A 18 5.09 -24.25 13.04
C ILE A 18 3.59 -24.40 13.29
N PHE A 19 2.84 -23.31 13.07
CA PHE A 19 1.40 -23.33 13.25
C PHE A 19 0.74 -23.84 11.99
N LYS A 20 0.00 -24.94 12.11
CA LYS A 20 -0.50 -25.65 10.94
C LYS A 20 -2.00 -25.92 11.09
N LYS A 21 -2.62 -26.18 9.95
CA LYS A 21 -3.99 -26.68 9.89
C LYS A 21 -3.98 -27.90 8.98
N GLU A 22 -4.24 -29.07 9.54
CA GLU A 22 -4.28 -30.31 8.77
C GLU A 22 -5.51 -31.11 9.16
N ASN A 23 -6.27 -31.55 8.16
CA ASN A 23 -7.49 -32.33 8.37
C ASN A 23 -8.47 -31.60 9.28
N GLY A 24 -8.57 -30.29 9.09
CA GLY A 24 -9.52 -29.50 9.86
C GLY A 24 -9.16 -29.28 11.31
N GLU A 25 -7.91 -29.53 11.69
CA GLU A 25 -7.47 -29.42 13.07
C GLU A 25 -6.25 -28.53 13.16
N PHE A 26 -6.24 -27.64 14.15
CA PHE A 26 -5.08 -26.81 14.42
C PHE A 26 -4.02 -27.63 15.14
N LYS A 27 -2.78 -27.53 14.69
CA LYS A 27 -1.67 -28.27 15.28
C LYS A 27 -0.45 -27.37 15.35
N ILE A 28 0.36 -27.59 16.39
CA ILE A 28 1.64 -26.91 16.55
C ILE A 28 2.73 -27.95 16.40
N GLU A 29 3.56 -27.81 15.37
CA GLU A 29 4.73 -28.64 15.20
C GLU A 29 5.93 -27.92 15.79
N TYR A 30 6.68 -28.62 16.64
CA TYR A 30 7.85 -28.06 17.29
C TYR A 30 9.11 -28.61 16.64
N ASP A 31 10.09 -27.74 16.43
CA ASP A 31 11.40 -28.13 15.92
C ASP A 31 12.46 -27.55 16.84
N ARG A 32 13.19 -28.42 17.55
CA ARG A 32 14.25 -28.02 18.45
C ARG A 32 15.64 -28.23 17.87
N THR A 33 15.73 -28.59 16.60
CA THR A 33 17.00 -28.92 15.96
C THR A 33 17.56 -27.80 15.08
N PHE A 34 16.83 -26.70 14.89
CA PHE A 34 17.27 -25.65 13.98
C PHE A 34 18.25 -24.73 14.68
N GLU A 35 19.45 -24.59 14.11
CA GLU A 35 20.50 -23.79 14.71
C GLU A 35 20.68 -22.49 13.94
N PRO A 36 20.71 -21.34 14.62
CA PRO A 36 21.00 -20.08 13.95
C PRO A 36 22.46 -20.04 13.49
N TYR A 37 22.71 -19.22 12.47
CA TYR A 37 24.03 -19.14 11.88
C TYR A 37 24.17 -17.83 11.12
N PHE A 38 25.43 -17.46 10.83
CA PHE A 38 25.74 -16.48 9.81
C PHE A 38 27.11 -16.82 9.24
N TYR A 39 27.48 -16.12 8.16
CA TYR A 39 28.69 -16.44 7.42
C TYR A 39 29.78 -15.40 7.67
N ALA A 40 31.03 -15.85 7.58
CA ALA A 40 32.18 -14.96 7.71
C ALA A 40 33.15 -15.24 6.57
N LEU A 41 33.55 -14.19 5.86
CA LEU A 41 34.58 -14.28 4.83
C LEU A 41 35.92 -13.92 5.46
N LEU A 42 36.85 -14.87 5.44
CA LEU A 42 38.13 -14.73 6.12
C LEU A 42 39.24 -14.40 5.14
N LYS A 43 40.21 -13.59 5.61
CA LYS A 43 41.41 -13.33 4.82
C LYS A 43 42.23 -14.60 4.62
N ASP A 44 42.42 -15.37 5.69
CA ASP A 44 43.18 -16.60 5.66
C ASP A 44 42.48 -17.65 6.51
N ASP A 45 42.59 -18.91 6.06
CA ASP A 45 41.96 -20.02 6.78
C ASP A 45 42.49 -20.15 8.20
N SER A 46 43.75 -19.79 8.43
CA SER A 46 44.38 -20.03 9.73
C SER A 46 43.75 -19.19 10.84
N ALA A 47 43.05 -18.11 10.49
CA ALA A 47 42.45 -17.24 11.48
C ALA A 47 41.16 -17.79 12.06
N ILE A 48 40.64 -18.91 11.54
CA ILE A 48 39.37 -19.43 12.02
C ILE A 48 39.45 -19.82 13.49
N GLU A 49 40.62 -20.24 13.97
CA GLU A 49 40.74 -20.62 15.38
C GLU A 49 40.64 -19.41 16.29
N GLU A 50 41.15 -18.26 15.86
CA GLU A 50 40.99 -17.04 16.63
C GLU A 50 39.55 -16.54 16.57
N VAL A 51 38.90 -16.69 15.42
CA VAL A 51 37.51 -16.27 15.28
C VAL A 51 36.61 -17.11 16.19
N LYS A 52 36.93 -18.41 16.32
CA LYS A 52 36.13 -19.30 17.16
C LYS A 52 36.14 -18.90 18.63
N LYS A 53 37.17 -18.19 19.08
CA LYS A 53 37.31 -17.82 20.49
C LYS A 53 36.70 -16.46 20.82
N ILE A 54 36.14 -15.77 19.83
CA ILE A 54 35.47 -14.50 20.09
C ILE A 54 34.19 -14.76 20.89
N THR A 55 33.99 -13.98 21.95
CA THR A 55 32.82 -14.12 22.80
C THR A 55 32.09 -12.78 22.90
N ALA A 56 30.90 -12.82 23.47
CA ALA A 56 30.09 -11.63 23.74
C ALA A 56 29.15 -11.95 24.89
N GLU A 57 28.30 -10.98 25.22
CA GLU A 57 27.34 -11.15 26.30
C GLU A 57 26.01 -10.53 25.91
N ARG A 58 24.93 -11.09 26.47
CA ARG A 58 23.59 -10.52 26.27
C ARG A 58 22.72 -10.94 27.44
N HIS A 59 22.20 -9.97 28.19
CA HIS A 59 21.25 -10.22 29.27
C HIS A 59 21.75 -11.30 30.24
N GLY A 60 23.04 -11.23 30.58
CA GLY A 60 23.61 -12.17 31.52
C GLY A 60 24.02 -13.51 30.94
N THR A 61 23.98 -13.68 29.62
CA THR A 61 24.35 -14.93 28.96
C THR A 61 25.63 -14.71 28.17
N VAL A 62 26.62 -15.57 28.40
CA VAL A 62 27.88 -15.50 27.66
C VAL A 62 27.68 -16.19 26.32
N VAL A 63 27.94 -15.46 25.24
CA VAL A 63 27.73 -15.95 23.88
C VAL A 63 29.07 -16.42 23.32
N THR A 64 29.09 -17.63 22.77
CA THR A 64 30.28 -18.20 22.16
C THR A 64 29.91 -18.82 20.82
N VAL A 65 30.94 -19.08 20.01
CA VAL A 65 30.75 -19.77 18.74
C VAL A 65 30.65 -21.27 19.01
N LYS A 66 29.57 -21.89 18.55
CA LYS A 66 29.36 -23.29 18.87
C LYS A 66 30.07 -24.22 17.89
N ARG A 67 30.11 -23.85 16.62
CA ARG A 67 30.64 -24.70 15.58
C ARG A 67 30.88 -23.85 14.34
N VAL A 68 31.92 -24.21 13.59
CA VAL A 68 32.23 -23.53 12.34
C VAL A 68 32.35 -24.58 11.24
N GLU A 69 32.00 -24.19 10.02
CA GLU A 69 32.01 -25.09 8.90
C GLU A 69 32.35 -24.32 7.64
N LYS A 70 33.35 -24.78 6.89
CA LYS A 70 33.72 -24.16 5.64
C LYS A 70 32.78 -24.61 4.54
N VAL A 71 32.27 -23.66 3.75
CA VAL A 71 31.30 -23.94 2.71
C VAL A 71 31.67 -23.19 1.45
N GLN A 72 31.36 -23.78 0.29
CA GLN A 72 31.55 -23.16 -1.00
C GLN A 72 30.21 -22.59 -1.47
N LYS A 73 30.18 -21.29 -1.74
CA LYS A 73 28.96 -20.60 -2.15
C LYS A 73 29.27 -19.69 -3.33
N LYS A 74 28.26 -18.95 -3.77
CA LYS A 74 28.42 -17.93 -4.79
C LYS A 74 28.00 -16.59 -4.21
N PHE A 75 28.67 -15.53 -4.64
CA PHE A 75 28.27 -14.16 -4.35
C PHE A 75 28.14 -13.43 -5.68
N LEU A 76 26.92 -13.04 -6.01
CA LEU A 76 26.63 -12.44 -7.32
C LEU A 76 27.14 -13.33 -8.44
N GLY A 77 26.99 -14.64 -8.28
CA GLY A 77 27.39 -15.60 -9.28
C GLY A 77 28.83 -16.05 -9.21
N ARG A 78 29.69 -15.34 -8.50
CA ARG A 78 31.09 -15.74 -8.50
C ARG A 78 31.38 -16.65 -7.30
N PRO A 79 32.22 -17.68 -7.50
CA PRO A 79 32.52 -18.60 -6.39
C PRO A 79 33.22 -17.90 -5.25
N VAL A 80 32.78 -18.19 -4.03
CA VAL A 80 33.38 -17.66 -2.82
C VAL A 80 33.48 -18.77 -1.79
N GLU A 81 34.41 -18.59 -0.85
CA GLU A 81 34.66 -19.54 0.23
C GLU A 81 34.48 -18.79 1.54
N VAL A 82 33.46 -19.16 2.30
CA VAL A 82 33.15 -18.51 3.58
C VAL A 82 33.00 -19.59 4.65
N TRP A 83 33.03 -19.13 5.90
CA TRP A 83 32.89 -20.00 7.06
C TRP A 83 31.51 -19.80 7.66
N LYS A 84 30.80 -20.89 7.87
CA LYS A 84 29.48 -20.87 8.49
C LYS A 84 29.64 -21.01 10.00
N LEU A 85 29.22 -19.99 10.75
CA LEU A 85 29.36 -19.96 12.20
C LEU A 85 28.02 -20.28 12.85
N TYR A 86 27.98 -21.36 13.62
CA TYR A 86 26.75 -21.78 14.28
C TYR A 86 26.70 -21.23 15.71
N PHE A 87 25.47 -21.01 16.20
CA PHE A 87 25.27 -20.51 17.54
C PHE A 87 24.09 -21.24 18.18
N THR A 88 24.00 -21.12 19.51
CA THR A 88 22.94 -21.80 20.23
C THR A 88 21.58 -21.12 20.04
N HIS A 89 21.54 -19.80 20.25
CA HIS A 89 20.31 -19.02 20.24
C HIS A 89 20.38 -17.94 19.16
N PRO A 90 19.27 -17.66 18.48
CA PRO A 90 19.29 -16.58 17.47
C PRO A 90 19.65 -15.22 18.05
N GLN A 91 19.32 -14.96 19.31
CA GLN A 91 19.69 -13.69 19.92
C GLN A 91 21.20 -13.58 20.15
N ASP A 92 21.93 -14.68 20.06
CA ASP A 92 23.38 -14.62 20.15
C ASP A 92 23.97 -13.80 19.00
N VAL A 93 23.38 -13.91 17.80
CA VAL A 93 23.99 -13.33 16.61
C VAL A 93 24.11 -11.81 16.69
N PRO A 94 23.05 -11.05 17.02
CA PRO A 94 23.24 -9.60 17.13
C PRO A 94 24.25 -9.20 18.19
N ALA A 95 24.39 -9.98 19.26
CA ALA A 95 25.31 -9.63 20.32
C ALA A 95 26.77 -9.83 19.96
N ILE A 96 27.07 -10.73 19.01
CA ILE A 96 28.44 -11.11 18.72
C ILE A 96 28.88 -10.75 17.31
N ARG A 97 27.96 -10.39 16.41
CA ARG A 97 28.34 -10.25 15.00
C ARG A 97 29.29 -9.09 14.77
N ASP A 98 29.13 -7.99 15.53
CA ASP A 98 30.01 -6.84 15.33
C ASP A 98 31.44 -7.16 15.75
N ARG A 99 31.61 -7.88 16.87
CA ARG A 99 32.95 -8.23 17.32
C ARG A 99 33.62 -9.21 16.37
N ILE A 100 32.85 -10.10 15.75
CA ILE A 100 33.43 -11.02 14.79
C ILE A 100 33.84 -10.29 13.52
N ARG A 101 32.98 -9.38 13.04
CA ARG A 101 33.34 -8.60 11.86
C ARG A 101 34.51 -7.67 12.13
N ALA A 102 34.67 -7.22 13.37
CA ALA A 102 35.76 -6.31 13.71
C ALA A 102 37.12 -7.01 13.78
N HIS A 103 37.16 -8.34 13.71
CA HIS A 103 38.42 -9.04 13.72
C HIS A 103 39.25 -8.67 12.49
N PRO A 104 40.55 -8.44 12.65
CA PRO A 104 41.36 -7.96 11.51
C PRO A 104 41.36 -8.91 10.32
N ALA A 105 41.18 -10.21 10.55
CA ALA A 105 41.23 -11.18 9.47
C ALA A 105 39.87 -11.48 8.86
N VAL A 106 38.81 -10.86 9.36
CA VAL A 106 37.46 -11.05 8.84
C VAL A 106 37.18 -9.93 7.84
N VAL A 107 36.98 -10.31 6.57
CA VAL A 107 36.72 -9.32 5.54
C VAL A 107 35.31 -8.77 5.64
N ASP A 108 34.33 -9.66 5.80
CA ASP A 108 32.94 -9.25 5.96
C ASP A 108 32.15 -10.43 6.50
N ILE A 109 30.94 -10.14 6.97
CA ILE A 109 30.01 -11.15 7.44
C ILE A 109 28.71 -10.99 6.65
N TYR A 110 27.93 -12.06 6.62
CA TYR A 110 26.73 -12.10 5.78
C TYR A 110 25.62 -12.86 6.49
N GLU A 111 24.38 -12.52 6.13
CA GLU A 111 23.18 -13.21 6.58
C GLU A 111 23.13 -13.32 8.11
N TYR A 112 23.23 -12.17 8.75
CA TYR A 112 23.31 -12.09 10.20
C TYR A 112 22.11 -11.38 10.83
N ASP A 113 21.11 -11.01 10.02
CA ASP A 113 19.96 -10.26 10.55
C ASP A 113 18.64 -10.76 9.96
N ILE A 114 18.58 -12.01 9.56
CA ILE A 114 17.35 -12.61 9.04
C ILE A 114 16.60 -13.22 10.22
N PRO A 115 15.36 -12.79 10.47
CA PRO A 115 14.62 -13.32 11.64
C PRO A 115 14.57 -14.84 11.65
N PHE A 116 14.77 -15.40 12.84
CA PHE A 116 14.89 -16.84 13.01
C PHE A 116 13.72 -17.60 12.39
N ALA A 117 12.50 -17.08 12.57
CA ALA A 117 11.32 -17.77 12.03
C ALA A 117 11.30 -17.74 10.50
N LYS A 118 11.74 -16.64 9.90
CA LYS A 118 11.78 -16.57 8.45
C LYS A 118 12.95 -17.37 7.90
N ARG A 119 14.07 -17.38 8.61
CA ARG A 119 15.18 -18.25 8.24
C ARG A 119 14.76 -19.71 8.19
N TYR A 120 13.87 -20.12 9.10
CA TYR A 120 13.44 -21.52 9.15
C TYR A 120 12.61 -21.88 7.92
N LEU A 121 11.63 -21.04 7.58
CA LEU A 121 10.80 -21.32 6.41
C LEU A 121 11.62 -21.37 5.13
N ILE A 122 12.65 -20.52 5.02
CA ILE A 122 13.47 -20.50 3.83
C ILE A 122 14.34 -21.75 3.75
N ASP A 123 15.10 -22.03 4.81
CA ASP A 123 16.06 -23.13 4.78
C ASP A 123 15.37 -24.49 4.71
N LYS A 124 14.14 -24.60 5.21
CA LYS A 124 13.39 -25.84 5.11
C LYS A 124 12.54 -25.94 3.85
N GLY A 125 12.59 -24.92 2.99
CA GLY A 125 11.80 -24.95 1.77
C GLY A 125 10.30 -24.97 2.01
N LEU A 126 9.85 -24.40 3.12
CA LEU A 126 8.44 -24.43 3.48
C LEU A 126 7.72 -23.18 2.98
N ILE A 127 6.54 -23.38 2.42
CA ILE A 127 5.73 -22.32 1.85
C ILE A 127 4.41 -22.27 2.61
N PRO A 128 4.03 -21.15 3.20
CA PRO A 128 2.74 -21.05 3.88
C PRO A 128 1.57 -21.02 2.89
N MET A 129 0.39 -21.32 3.42
CA MET A 129 -0.88 -21.13 2.72
C MET A 129 -1.06 -22.09 1.54
N GLU A 130 -0.41 -23.25 1.59
CA GLU A 130 -0.51 -24.25 0.53
C GLU A 130 -1.56 -25.30 0.88
N GLY A 131 -2.22 -25.81 -0.14
CA GLY A 131 -3.19 -26.90 0.04
C GLY A 131 -4.62 -26.41 0.04
N ASP A 132 -5.52 -27.37 0.33
CA ASP A 132 -6.95 -27.15 0.20
C ASP A 132 -7.65 -27.06 1.56
N GLU A 133 -6.90 -26.89 2.65
CA GLU A 133 -7.53 -26.74 3.95
C GLU A 133 -8.34 -25.44 3.99
N GLU A 134 -9.57 -25.53 4.49
CA GLU A 134 -10.44 -24.37 4.61
C GLU A 134 -10.21 -23.68 5.95
N LEU A 135 -9.90 -22.39 5.91
CA LEU A 135 -9.63 -21.62 7.11
C LEU A 135 -10.92 -21.05 7.67
N THR A 136 -11.07 -21.15 8.99
CA THR A 136 -12.18 -20.51 9.68
C THR A 136 -11.80 -19.07 10.01
N MET A 137 -12.77 -18.17 9.89
CA MET A 137 -12.52 -16.75 10.06
C MET A 137 -13.56 -16.13 10.97
N LEU A 138 -13.18 -15.02 11.59
CA LEU A 138 -14.08 -14.25 12.44
C LEU A 138 -13.63 -12.80 12.40
N ALA A 139 -14.50 -11.92 11.95
CA ALA A 139 -14.24 -10.49 12.00
C ALA A 139 -14.79 -9.92 13.31
N PHE A 140 -14.19 -8.83 13.77
CA PHE A 140 -14.73 -8.15 14.94
C PHE A 140 -14.40 -6.66 14.86
N ALA A 141 -15.21 -5.87 15.55
CA ALA A 141 -15.00 -4.44 15.65
C ALA A 141 -15.52 -3.96 16.99
N ILE A 142 -15.12 -2.76 17.38
CA ILE A 142 -15.51 -2.19 18.66
C ILE A 142 -16.08 -0.79 18.43
N ALA A 143 -16.93 -0.37 19.36
CA ALA A 143 -17.43 0.99 19.45
C ALA A 143 -17.12 1.50 20.85
N THR A 144 -16.57 2.72 20.94
CA THR A 144 -16.06 3.24 22.19
C THR A 144 -16.73 4.58 22.53
N LEU A 145 -16.62 4.95 23.80
CA LEU A 145 -17.14 6.23 24.29
C LEU A 145 -16.01 7.25 24.23
N TYR A 146 -16.14 8.21 23.31
CA TYR A 146 -15.11 9.22 23.07
C TYR A 146 -15.57 10.57 23.60
N HIS A 147 -14.63 11.33 24.16
CA HIS A 147 -14.82 12.72 24.52
C HIS A 147 -13.57 13.49 24.19
N GLU A 148 -13.74 14.70 23.66
CA GLU A 148 -12.61 15.51 23.22
C GLU A 148 -11.70 15.84 24.40
N GLY A 149 -10.40 15.75 24.17
CA GLY A 149 -9.41 16.13 25.17
C GLY A 149 -8.96 15.03 26.10
N GLU A 150 -9.54 13.85 26.01
CA GLU A 150 -9.19 12.77 26.93
C GLU A 150 -8.03 11.94 26.36
N GLU A 151 -7.40 11.17 27.26
CA GLU A 151 -6.36 10.26 26.83
C GLU A 151 -6.96 9.11 26.02
N PHE A 152 -6.09 8.38 25.32
CA PHE A 152 -6.53 7.24 24.53
C PHE A 152 -7.10 6.16 25.44
N ALA A 153 -8.28 5.66 25.08
CA ALA A 153 -8.98 4.62 25.83
C ALA A 153 -9.30 5.06 27.26
N GLU A 154 -9.43 6.37 27.48
CA GLU A 154 -9.87 6.84 28.79
C GLU A 154 -11.31 6.41 29.06
N GLY A 155 -12.17 6.49 28.03
CA GLY A 155 -13.53 6.03 28.14
C GLY A 155 -13.66 4.56 27.85
N PRO A 156 -14.74 3.94 28.30
CA PRO A 156 -14.90 2.50 28.14
C PRO A 156 -15.28 2.11 26.72
N ILE A 157 -15.05 0.83 26.42
CA ILE A 157 -15.64 0.24 25.24
C ILE A 157 -17.13 0.04 25.48
N LEU A 158 -17.95 0.46 24.52
CA LEU A 158 -19.39 0.35 24.64
C LEU A 158 -19.96 -0.89 23.98
N MET A 159 -19.35 -1.34 22.88
CA MET A 159 -19.90 -2.43 22.09
C MET A 159 -18.75 -3.21 21.46
N ILE A 160 -18.90 -4.52 21.39
CA ILE A 160 -17.98 -5.38 20.65
C ILE A 160 -18.83 -6.25 19.72
N SER A 161 -18.64 -6.08 18.43
CA SER A 161 -19.39 -6.85 17.45
C SER A 161 -18.48 -7.86 16.77
N TYR A 162 -19.07 -8.92 16.24
CA TYR A 162 -18.33 -9.94 15.53
C TYR A 162 -19.25 -10.53 14.46
N ALA A 163 -18.65 -11.23 13.51
CA ALA A 163 -19.42 -11.78 12.41
C ALA A 163 -18.64 -12.90 11.73
N ASP A 164 -19.36 -13.98 11.42
CA ASP A 164 -18.85 -15.03 10.55
C ASP A 164 -19.99 -15.61 9.71
N GLU A 165 -19.88 -16.86 9.26
CA GLU A 165 -20.92 -17.45 8.42
C GLU A 165 -22.25 -17.54 9.16
N GLU A 166 -22.22 -17.65 10.49
CA GLU A 166 -23.43 -17.79 11.29
C GLU A 166 -24.14 -16.46 11.53
N GLY A 167 -23.59 -15.35 11.05
CA GLY A 167 -24.21 -14.06 11.22
C GLY A 167 -23.33 -13.12 12.04
N ALA A 168 -23.89 -11.95 12.32
CA ALA A 168 -23.22 -10.89 13.06
C ALA A 168 -23.99 -10.60 14.34
N ARG A 169 -23.25 -10.42 15.43
CA ARG A 169 -23.83 -10.13 16.74
C ARG A 169 -23.09 -8.97 17.39
N VAL A 170 -23.71 -8.38 18.41
CA VAL A 170 -23.14 -7.27 19.16
C VAL A 170 -23.25 -7.58 20.64
N ILE A 171 -22.15 -7.43 21.38
CA ILE A 171 -22.14 -7.55 22.83
C ILE A 171 -22.00 -6.15 23.42
N THR A 172 -22.88 -5.81 24.37
CA THR A 172 -22.85 -4.50 24.99
C THR A 172 -23.42 -4.61 26.40
N TRP A 173 -23.18 -3.56 27.20
CA TRP A 173 -23.61 -3.54 28.60
C TRP A 173 -24.69 -2.49 28.84
N LYS A 174 -25.45 -2.15 27.81
CA LYS A 174 -26.68 -1.39 27.95
C LYS A 174 -27.76 -2.08 27.13
N ASN A 175 -29.00 -2.05 27.63
CA ASN A 175 -30.08 -2.80 27.00
C ASN A 175 -30.43 -2.18 25.66
N VAL A 176 -30.19 -2.91 24.59
CA VAL A 176 -30.61 -2.52 23.24
C VAL A 176 -31.49 -3.64 22.70
N ASP A 177 -32.72 -3.28 22.31
CA ASP A 177 -33.73 -4.28 21.93
C ASP A 177 -33.59 -4.61 20.44
N LEU A 178 -32.59 -5.42 20.14
CA LEU A 178 -32.37 -5.93 18.80
C LEU A 178 -32.02 -7.41 18.92
N PRO A 179 -32.50 -8.25 17.99
CA PRO A 179 -32.31 -9.71 18.15
C PRO A 179 -30.86 -10.15 18.07
N TYR A 180 -29.98 -9.37 17.47
CA TYR A 180 -28.58 -9.73 17.36
C TYR A 180 -27.71 -9.12 18.44
N VAL A 181 -28.32 -8.52 19.48
CA VAL A 181 -27.60 -7.86 20.55
C VAL A 181 -27.69 -8.72 21.81
N ASP A 182 -26.53 -9.03 22.39
CA ASP A 182 -26.45 -9.74 23.66
C ASP A 182 -26.06 -8.73 24.75
N VAL A 183 -26.88 -8.64 25.79
CA VAL A 183 -26.74 -7.62 26.82
C VAL A 183 -26.09 -8.23 28.06
N VAL A 184 -25.02 -7.60 28.54
CA VAL A 184 -24.45 -7.91 29.84
C VAL A 184 -24.55 -6.66 30.72
N SER A 185 -23.94 -6.68 31.90
CA SER A 185 -24.11 -5.58 32.84
C SER A 185 -22.93 -4.62 32.89
N THR A 186 -21.71 -5.07 32.60
CA THR A 186 -20.52 -4.23 32.70
C THR A 186 -19.65 -4.38 31.48
N GLU A 187 -18.75 -3.40 31.29
CA GLU A 187 -17.76 -3.48 30.23
C GLU A 187 -16.87 -4.69 30.39
N ARG A 188 -16.53 -5.04 31.65
CA ARG A 188 -15.70 -6.22 31.89
C ARG A 188 -16.40 -7.49 31.43
N GLU A 189 -17.71 -7.61 31.71
CA GLU A 189 -18.44 -8.80 31.30
C GLU A 189 -18.54 -8.91 29.78
N MET A 190 -18.65 -7.78 29.08
CA MET A 190 -18.74 -7.82 27.63
C MET A 190 -17.41 -8.25 27.01
N ILE A 191 -16.29 -7.73 27.53
CA ILE A 191 -14.98 -8.14 27.04
C ILE A 191 -14.76 -9.64 27.28
N LYS A 192 -15.03 -10.10 28.50
CA LYS A 192 -14.86 -11.52 28.81
C LYS A 192 -15.79 -12.39 27.99
N ARG A 193 -16.99 -11.88 27.67
CA ARG A 193 -17.90 -12.62 26.81
C ARG A 193 -17.36 -12.73 25.39
N PHE A 194 -16.79 -11.63 24.88
CA PHE A 194 -16.16 -11.70 23.56
C PHE A 194 -14.99 -12.68 23.57
N LEU A 195 -14.18 -12.66 24.63
CA LEU A 195 -13.09 -13.62 24.76
C LEU A 195 -13.60 -15.05 24.70
N ARG A 196 -14.76 -15.31 25.33
CA ARG A 196 -15.35 -16.64 25.27
C ARG A 196 -15.77 -17.00 23.85
N VAL A 197 -16.41 -16.07 23.15
CA VAL A 197 -16.87 -16.34 21.78
C VAL A 197 -15.71 -16.74 20.89
N VAL A 198 -14.58 -16.04 21.00
CA VAL A 198 -13.41 -16.39 20.20
C VAL A 198 -12.86 -17.75 20.59
N LYS A 199 -12.91 -18.08 21.89
CA LYS A 199 -12.40 -19.37 22.35
C LYS A 199 -13.24 -20.53 21.79
N GLU A 200 -14.57 -20.41 21.85
CA GLU A 200 -15.41 -21.50 21.37
C GLU A 200 -15.41 -21.58 19.85
N LYS A 201 -15.40 -20.44 19.16
CA LYS A 201 -15.35 -20.48 17.70
C LYS A 201 -13.98 -20.88 17.19
N ASP A 202 -12.93 -20.58 17.95
CA ASP A 202 -11.55 -20.94 17.59
C ASP A 202 -11.21 -20.64 16.13
N PRO A 203 -11.38 -19.39 15.67
CA PRO A 203 -11.12 -19.10 14.26
C PRO A 203 -9.64 -19.07 13.94
N ASP A 204 -9.30 -19.54 12.74
CA ASP A 204 -7.91 -19.45 12.27
C ASP A 204 -7.52 -18.01 11.96
N VAL A 205 -8.48 -17.20 11.48
CA VAL A 205 -8.22 -15.84 11.04
C VAL A 205 -9.10 -14.90 11.86
N LEU A 206 -8.48 -13.88 12.45
CA LEU A 206 -9.20 -12.77 13.07
C LEU A 206 -9.11 -11.58 12.13
N ILE A 207 -10.26 -11.11 11.65
CA ILE A 207 -10.32 -10.03 10.66
C ILE A 207 -10.68 -8.73 11.37
N THR A 208 -9.91 -7.69 11.12
CA THR A 208 -10.24 -6.34 11.56
C THR A 208 -10.12 -5.38 10.39
N TYR A 209 -10.58 -4.15 10.61
CA TYR A 209 -10.27 -3.02 9.74
C TYR A 209 -9.58 -1.96 10.60
N ASN A 210 -8.26 -1.85 10.43
CA ASN A 210 -7.40 -0.97 11.24
C ASN A 210 -7.27 -1.46 12.68
N GLY A 211 -7.42 -2.77 12.90
CA GLY A 211 -7.16 -3.32 14.21
C GLY A 211 -5.72 -3.22 14.66
N ASP A 212 -4.78 -3.07 13.72
CA ASP A 212 -3.37 -2.92 14.07
C ASP A 212 -3.11 -1.63 14.85
N ASN A 213 -3.96 -0.62 14.71
CA ASN A 213 -3.73 0.68 15.32
C ASN A 213 -4.77 1.09 16.35
N PHE A 214 -6.02 0.63 16.23
CA PHE A 214 -7.08 1.06 17.12
C PHE A 214 -7.64 -0.05 17.99
N ASP A 215 -8.27 -1.08 17.39
CA ASP A 215 -9.09 -2.00 18.17
C ASP A 215 -8.27 -2.77 19.20
N PHE A 216 -7.15 -3.35 18.80
CA PHE A 216 -6.36 -4.15 19.74
C PHE A 216 -5.72 -3.28 20.81
N ALA A 217 -5.24 -2.08 20.44
CA ALA A 217 -4.64 -1.19 21.42
C ALA A 217 -5.69 -0.66 22.39
N TYR A 218 -6.91 -0.41 21.91
CA TYR A 218 -7.98 0.01 22.79
C TYR A 218 -8.37 -1.12 23.75
N LEU A 219 -8.52 -2.33 23.22
CA LEU A 219 -8.83 -3.47 24.07
C LEU A 219 -7.73 -3.71 25.10
N LYS A 220 -6.47 -3.59 24.67
CA LYS A 220 -5.34 -3.79 25.60
C LYS A 220 -5.42 -2.83 26.78
N LYS A 221 -5.56 -1.54 26.49
CA LYS A 221 -5.60 -0.54 27.58
C LYS A 221 -6.77 -0.81 28.51
N ARG A 222 -7.95 -1.11 27.96
CA ARG A 222 -9.11 -1.36 28.81
C ARG A 222 -8.92 -2.63 29.65
N CYS A 223 -8.21 -3.62 29.12
CA CYS A 223 -7.99 -4.85 29.87
C CYS A 223 -7.01 -4.64 31.02
N GLU A 224 -6.02 -3.75 30.87
CA GLU A 224 -5.14 -3.45 31.99
C GLU A 224 -5.85 -2.71 33.10
N LYS A 225 -6.74 -1.76 32.74
CA LYS A 225 -7.48 -1.02 33.75
C LYS A 225 -8.45 -1.93 34.52
N LEU A 226 -9.06 -2.89 33.83
CA LEU A 226 -10.03 -3.78 34.45
C LEU A 226 -9.42 -5.08 34.93
N GLY A 227 -8.11 -5.29 34.72
CA GLY A 227 -7.45 -6.51 35.15
C GLY A 227 -7.95 -7.75 34.46
N ILE A 228 -8.00 -7.73 33.13
CA ILE A 228 -8.52 -8.85 32.34
C ILE A 228 -7.36 -9.46 31.56
N ASN A 229 -7.23 -10.78 31.64
CA ASN A 229 -6.27 -11.53 30.84
C ASN A 229 -6.90 -11.78 29.47
N PHE A 230 -6.50 -10.98 28.47
CA PHE A 230 -7.09 -11.06 27.13
C PHE A 230 -6.43 -12.18 26.34
N ALA A 231 -6.69 -13.42 26.76
CA ALA A 231 -6.01 -14.61 26.23
C ALA A 231 -6.64 -15.03 24.90
N LEU A 232 -6.40 -14.21 23.88
CA LEU A 232 -6.91 -14.51 22.55
C LEU A 232 -6.07 -15.54 21.81
N GLY A 233 -4.80 -15.69 22.17
CA GLY A 233 -3.94 -16.62 21.47
C GLY A 233 -4.33 -18.06 21.74
N ARG A 234 -4.03 -18.92 20.76
CA ARG A 234 -4.33 -20.34 20.90
C ARG A 234 -3.41 -21.01 21.92
N ASP A 235 -2.30 -20.37 22.29
CA ASP A 235 -1.42 -20.85 23.34
C ASP A 235 -1.68 -20.16 24.68
N GLY A 236 -2.82 -19.47 24.80
CA GLY A 236 -3.15 -18.77 26.02
C GLY A 236 -2.57 -17.38 26.15
N SER A 237 -1.76 -16.95 25.18
CA SER A 237 -1.15 -15.63 25.26
C SER A 237 -2.13 -14.55 24.86
N GLU A 238 -1.78 -13.30 25.19
CA GLU A 238 -2.51 -12.11 24.80
C GLU A 238 -2.02 -11.61 23.45
N PRO A 239 -2.80 -10.78 22.75
CA PRO A 239 -2.30 -10.21 21.50
C PRO A 239 -1.05 -9.39 21.74
N LYS A 240 -0.08 -9.52 20.84
CA LYS A 240 1.22 -8.88 21.00
C LYS A 240 1.38 -7.79 19.95
N ILE A 241 1.76 -6.59 20.39
CA ILE A 241 1.97 -5.48 19.49
C ILE A 241 3.38 -5.56 18.93
N GLN A 242 3.50 -5.38 17.61
CA GLN A 242 4.79 -5.37 16.94
C GLN A 242 4.96 -4.06 16.19
N ARG A 243 6.20 -3.77 15.80
CA ARG A 243 6.53 -2.54 15.09
C ARG A 243 7.41 -2.85 13.90
N MET A 244 7.06 -2.28 12.76
CA MET A 244 7.88 -2.36 11.54
C MET A 244 8.10 -0.94 11.03
N GLY A 245 9.33 -0.45 11.19
CA GLY A 245 9.61 0.92 10.81
C GLY A 245 8.80 1.87 11.68
N ASP A 246 7.93 2.65 11.05
CA ASP A 246 7.07 3.59 11.76
C ASP A 246 5.65 3.08 11.92
N ARG A 247 5.36 1.86 11.48
CA ARG A 247 4.03 1.29 11.56
C ARG A 247 3.97 0.24 12.66
N PHE A 248 2.77 0.05 13.21
CA PHE A 248 2.53 -0.92 14.27
C PHE A 248 1.58 -2.00 13.78
N ALA A 249 1.71 -3.18 14.38
CA ALA A 249 0.88 -4.31 13.98
C ALA A 249 0.70 -5.22 15.17
N VAL A 250 -0.41 -5.96 15.18
CA VAL A 250 -0.79 -6.81 16.30
C VAL A 250 -0.87 -8.24 15.81
N GLU A 251 -0.23 -9.16 16.54
CA GLU A 251 -0.28 -10.57 16.22
C GLU A 251 -1.04 -11.32 17.30
N VAL A 252 -1.71 -12.40 16.90
CA VAL A 252 -2.39 -13.31 17.83
C VAL A 252 -1.81 -14.70 17.57
N LYS A 253 -1.12 -15.23 18.57
CA LYS A 253 -0.38 -16.48 18.39
C LYS A 253 -1.31 -17.62 18.04
N GLY A 254 -0.90 -18.43 17.06
CA GLY A 254 -1.69 -19.54 16.58
C GLY A 254 -2.75 -19.17 15.56
N ARG A 255 -3.05 -17.89 15.40
CA ARG A 255 -4.04 -17.43 14.43
C ARG A 255 -3.37 -16.45 13.46
N ILE A 256 -4.16 -15.98 12.50
CA ILE A 256 -3.73 -14.95 11.57
C ILE A 256 -4.62 -13.73 11.82
N HIS A 257 -4.06 -12.71 12.45
CA HIS A 257 -4.74 -11.43 12.50
C HIS A 257 -4.67 -10.79 11.13
N PHE A 258 -5.79 -10.78 10.41
CA PHE A 258 -5.90 -10.21 9.07
C PHE A 258 -6.48 -8.81 9.21
N ASP A 259 -5.61 -7.81 9.27
CA ASP A 259 -6.03 -6.42 9.23
C ASP A 259 -6.21 -5.99 7.78
N LEU A 260 -7.45 -5.67 7.40
CA LEU A 260 -7.77 -5.36 6.01
C LEU A 260 -7.25 -4.00 5.56
N TYR A 261 -6.95 -3.08 6.48
CA TYR A 261 -6.62 -1.73 6.06
C TYR A 261 -5.35 -1.66 5.22
N PRO A 262 -4.20 -2.20 5.63
CA PRO A 262 -3.02 -2.15 4.74
C PRO A 262 -3.21 -2.94 3.45
N VAL A 263 -4.11 -3.94 3.45
CA VAL A 263 -4.39 -4.66 2.21
C VAL A 263 -5.17 -3.79 1.23
N ILE A 264 -6.28 -3.20 1.70
CA ILE A 264 -7.11 -2.38 0.82
C ILE A 264 -6.37 -1.13 0.38
N ARG A 265 -5.54 -0.57 1.26
CA ARG A 265 -4.87 0.70 0.98
C ARG A 265 -4.07 0.65 -0.32
N ARG A 266 -3.41 -0.48 -0.60
CA ARG A 266 -2.60 -0.61 -1.80
C ARG A 266 -3.26 -1.49 -2.87
N THR A 267 -4.47 -1.98 -2.63
CA THR A 267 -5.18 -2.79 -3.61
C THR A 267 -6.22 -1.99 -4.38
N ILE A 268 -6.83 -0.99 -3.77
CA ILE A 268 -7.85 -0.16 -4.42
C ILE A 268 -7.43 1.29 -4.34
N ASN A 269 -7.71 2.05 -5.39
CA ASN A 269 -7.44 3.48 -5.44
C ASN A 269 -8.72 4.21 -5.07
N LEU A 270 -8.71 4.89 -3.91
CA LEU A 270 -9.87 5.58 -3.39
C LEU A 270 -9.44 6.92 -2.80
N PRO A 271 -10.31 7.93 -2.86
CA PRO A 271 -9.96 9.22 -2.23
C PRO A 271 -9.82 9.13 -0.73
N THR A 272 -10.71 8.39 -0.06
CA THR A 272 -10.61 8.11 1.37
C THR A 272 -10.75 6.61 1.58
N TYR A 273 -10.25 6.14 2.72
CA TYR A 273 -10.22 4.71 3.01
C TYR A 273 -10.99 4.38 4.29
N THR A 274 -12.12 5.04 4.48
CA THR A 274 -13.03 4.62 5.55
C THR A 274 -13.64 3.27 5.21
N LEU A 275 -14.10 2.56 6.25
CA LEU A 275 -14.74 1.28 6.03
C LEU A 275 -15.96 1.42 5.12
N GLU A 276 -16.71 2.52 5.29
CA GLU A 276 -17.89 2.76 4.46
C GLU A 276 -17.50 2.92 2.98
N ALA A 277 -16.47 3.72 2.71
CA ALA A 277 -16.05 3.93 1.33
C ALA A 277 -15.48 2.66 0.72
N VAL A 278 -14.77 1.85 1.51
CA VAL A 278 -14.20 0.61 1.00
C VAL A 278 -15.31 -0.39 0.67
N TYR A 279 -16.27 -0.55 1.57
CA TYR A 279 -17.36 -1.49 1.32
C TYR A 279 -18.15 -1.10 0.07
N GLU A 280 -18.39 0.20 -0.13
CA GLU A 280 -19.17 0.65 -1.27
C GLU A 280 -18.41 0.45 -2.58
N ALA A 281 -17.08 0.66 -2.55
CA ALA A 281 -16.30 0.47 -3.76
C ALA A 281 -16.25 -1.00 -4.18
N VAL A 282 -16.27 -1.92 -3.22
CA VAL A 282 -16.14 -3.34 -3.53
C VAL A 282 -17.49 -3.95 -3.89
N PHE A 283 -18.52 -3.72 -3.09
CA PHE A 283 -19.79 -4.41 -3.25
C PHE A 283 -20.87 -3.56 -3.91
N GLY A 284 -20.61 -2.29 -4.20
CA GLY A 284 -21.60 -1.45 -4.85
C GLY A 284 -22.79 -1.11 -4.00
N LYS A 285 -22.67 -1.18 -2.68
CA LYS A 285 -23.76 -0.88 -1.76
C LYS A 285 -23.29 0.12 -0.72
N PRO A 286 -24.10 1.12 -0.39
CA PRO A 286 -23.69 2.10 0.62
C PRO A 286 -23.77 1.55 2.03
N LYS A 287 -22.95 2.13 2.91
CA LYS A 287 -22.93 1.79 4.32
C LYS A 287 -23.01 3.07 5.13
N GLU A 288 -23.94 3.12 6.08
CA GLU A 288 -24.12 4.32 6.90
C GLU A 288 -23.03 4.41 7.96
N LYS A 289 -22.53 5.61 8.17
CA LYS A 289 -21.52 5.87 9.19
C LYS A 289 -22.16 6.63 10.35
N VAL A 290 -21.93 6.15 11.56
CA VAL A 290 -22.35 6.83 12.79
C VAL A 290 -21.10 7.32 13.49
N TYR A 291 -21.06 8.62 13.79
CA TYR A 291 -19.84 9.26 14.26
C TYR A 291 -19.74 9.20 15.78
N ALA A 292 -18.50 9.37 16.28
CA ALA A 292 -18.22 9.21 17.70
C ALA A 292 -19.12 10.10 18.56
N GLU A 293 -19.44 11.30 18.08
CA GLU A 293 -20.27 12.22 18.86
C GLU A 293 -21.70 11.71 18.99
N GLU A 294 -22.27 11.18 17.92
CA GLU A 294 -23.60 10.60 18.01
C GLU A 294 -23.60 9.34 18.88
N ILE A 295 -22.51 8.56 18.83
CA ILE A 295 -22.41 7.39 19.69
C ILE A 295 -22.41 7.79 21.16
N ALA A 296 -21.59 8.80 21.50
CA ALA A 296 -21.54 9.29 22.87
C ALA A 296 -22.90 9.84 23.32
N GLN A 297 -23.55 10.62 22.45
CA GLN A 297 -24.85 11.20 22.80
C GLN A 297 -25.89 10.10 23.00
N ALA A 298 -25.88 9.08 22.14
CA ALA A 298 -26.84 7.98 22.30
C ALA A 298 -26.58 7.19 23.57
N TRP A 299 -25.31 6.92 23.88
CA TRP A 299 -24.99 6.13 25.06
C TRP A 299 -25.31 6.89 26.33
N GLU A 300 -24.99 8.17 26.38
CA GLU A 300 -25.10 8.95 27.61
C GLU A 300 -26.53 9.37 27.89
N THR A 301 -27.29 9.73 26.85
CA THR A 301 -28.71 10.03 27.08
C THR A 301 -29.55 8.76 27.15
N GLY A 302 -29.10 7.69 26.51
CA GLY A 302 -29.89 6.48 26.42
C GLY A 302 -30.87 6.44 25.26
N GLU A 303 -30.90 7.47 24.42
CA GLU A 303 -31.84 7.57 23.31
C GLU A 303 -31.11 7.32 22.00
N GLY A 304 -31.67 6.44 21.18
CA GLY A 304 -31.14 6.22 19.85
C GLY A 304 -29.99 5.24 19.76
N LEU A 305 -29.92 4.28 20.68
CA LEU A 305 -28.81 3.33 20.66
C LEU A 305 -29.01 2.21 19.65
N GLU A 306 -30.24 1.96 19.20
CA GLU A 306 -30.44 0.95 18.17
C GLU A 306 -29.69 1.30 16.90
N ARG A 307 -29.67 2.59 16.53
CA ARG A 307 -28.88 3.04 15.40
C ARG A 307 -27.39 2.76 15.61
N VAL A 308 -26.92 2.95 16.85
CA VAL A 308 -25.51 2.69 17.16
C VAL A 308 -25.22 1.19 17.07
N ALA A 309 -26.11 0.37 17.63
CA ALA A 309 -25.91 -1.08 17.58
C ALA A 309 -25.96 -1.60 16.16
N ARG A 310 -26.81 -1.02 15.32
CA ARG A 310 -26.84 -1.41 13.92
C ARG A 310 -25.53 -1.05 13.22
N TYR A 311 -24.99 0.13 13.51
CA TYR A 311 -23.70 0.51 12.95
C TYR A 311 -22.60 -0.43 13.43
N SER A 312 -22.62 -0.79 14.71
CA SER A 312 -21.63 -1.72 15.25
C SER A 312 -21.73 -3.09 14.58
N MET A 313 -22.96 -3.61 14.45
CA MET A 313 -23.15 -4.90 13.80
C MET A 313 -22.65 -4.86 12.36
N GLU A 314 -23.02 -3.82 11.62
CA GLU A 314 -22.62 -3.72 10.22
C GLU A 314 -21.11 -3.56 10.06
N ASP A 315 -20.45 -2.90 11.02
CA ASP A 315 -18.99 -2.87 11.02
C ASP A 315 -18.42 -4.28 10.96
N ALA A 316 -18.89 -5.17 11.84
CA ALA A 316 -18.36 -6.53 11.84
C ALA A 316 -18.80 -7.30 10.60
N LYS A 317 -20.04 -7.07 10.13
CA LYS A 317 -20.56 -7.82 9.01
C LYS A 317 -19.79 -7.52 7.72
N VAL A 318 -19.58 -6.23 7.42
CA VAL A 318 -18.88 -5.91 6.17
C VAL A 318 -17.40 -6.24 6.27
N THR A 319 -16.85 -6.22 7.48
CA THR A 319 -15.45 -6.62 7.65
C THR A 319 -15.26 -8.10 7.36
N TYR A 320 -16.22 -8.93 7.79
CA TYR A 320 -16.15 -10.35 7.47
C TYR A 320 -16.30 -10.59 5.97
N GLU A 321 -17.24 -9.89 5.33
CA GLU A 321 -17.43 -10.06 3.89
C GLU A 321 -16.21 -9.58 3.11
N LEU A 322 -15.66 -8.42 3.50
CA LEU A 322 -14.45 -7.95 2.83
C LEU A 322 -13.30 -8.92 3.05
N GLY A 323 -13.12 -9.42 4.29
CA GLY A 323 -12.04 -10.34 4.56
C GLY A 323 -12.18 -11.63 3.76
N LYS A 324 -13.41 -12.11 3.61
CA LYS A 324 -13.66 -13.31 2.82
C LYS A 324 -13.28 -13.10 1.35
N GLU A 325 -13.50 -11.91 0.81
CA GLU A 325 -13.20 -11.66 -0.60
C GLU A 325 -11.71 -11.52 -0.85
N PHE A 326 -10.97 -10.88 0.07
CA PHE A 326 -9.58 -10.54 -0.16
C PHE A 326 -8.59 -11.55 0.42
N LEU A 327 -9.07 -12.51 1.22
CA LEU A 327 -8.17 -13.55 1.73
C LEU A 327 -7.53 -14.37 0.61
N PRO A 328 -8.25 -14.84 -0.41
CA PRO A 328 -7.58 -15.62 -1.46
C PRO A 328 -6.46 -14.87 -2.16
N MET A 329 -6.64 -13.56 -2.40
CA MET A 329 -5.59 -12.78 -3.03
C MET A 329 -4.34 -12.73 -2.15
N GLU A 330 -4.50 -12.42 -0.86
CA GLU A 330 -3.34 -12.35 0.01
C GLU A 330 -2.77 -13.73 0.32
N ALA A 331 -3.58 -14.78 0.26
CA ALA A 331 -3.05 -16.14 0.39
C ALA A 331 -2.11 -16.46 -0.75
N GLN A 332 -2.47 -16.09 -1.99
CA GLN A 332 -1.60 -16.35 -3.13
C GLN A 332 -0.30 -15.56 -3.01
N LEU A 333 -0.38 -14.28 -2.65
CA LEU A 333 0.83 -13.48 -2.45
C LEU A 333 1.71 -14.09 -1.36
N SER A 334 1.10 -14.68 -0.33
CA SER A 334 1.86 -15.39 0.68
C SER A 334 2.61 -16.58 0.09
N ARG A 335 1.95 -17.34 -0.79
CA ARG A 335 2.63 -18.44 -1.47
C ARG A 335 3.72 -17.92 -2.40
N LEU A 336 3.45 -16.84 -3.14
CA LEU A 336 4.42 -16.31 -4.09
C LEU A 336 5.66 -15.78 -3.38
N VAL A 337 5.46 -15.03 -2.30
CA VAL A 337 6.59 -14.47 -1.55
C VAL A 337 7.26 -15.53 -0.69
N GLY A 338 6.48 -16.49 -0.18
CA GLY A 338 7.04 -17.53 0.67
C GLY A 338 7.12 -17.18 2.14
N GLN A 339 6.25 -16.31 2.63
CA GLN A 339 6.25 -15.90 4.03
C GLN A 339 4.82 -15.85 4.51
N PRO A 340 4.59 -15.90 5.83
CA PRO A 340 3.22 -16.00 6.34
C PRO A 340 2.35 -14.81 5.94
N LEU A 341 1.05 -15.07 5.86
CA LEU A 341 0.11 -14.04 5.42
C LEU A 341 0.13 -12.83 6.33
N TRP A 342 0.32 -13.04 7.64
CA TRP A 342 0.42 -11.91 8.57
C TRP A 342 1.51 -10.94 8.13
N ASP A 343 2.69 -11.46 7.76
CA ASP A 343 3.78 -10.59 7.34
C ASP A 343 3.57 -10.05 5.94
N VAL A 344 3.17 -10.92 5.00
CA VAL A 344 3.08 -10.52 3.59
C VAL A 344 2.00 -9.47 3.39
N SER A 345 0.86 -9.61 4.08
CA SER A 345 -0.23 -8.66 3.92
C SER A 345 0.10 -7.28 4.45
N ARG A 346 1.10 -7.16 5.32
CA ARG A 346 1.48 -5.87 5.89
C ARG A 346 2.78 -5.31 5.33
N SER A 347 3.70 -6.16 4.86
CA SER A 347 5.04 -5.71 4.60
C SER A 347 5.09 -4.83 3.35
N SER A 348 6.11 -3.98 3.30
CA SER A 348 6.36 -3.15 2.14
C SER A 348 6.71 -4.00 0.93
N THR A 349 6.57 -3.39 -0.25
CA THR A 349 6.94 -4.08 -1.48
C THR A 349 8.44 -4.36 -1.54
N GLY A 350 9.26 -3.59 -0.82
CA GLY A 350 10.68 -3.89 -0.76
C GLY A 350 10.96 -5.21 -0.08
N ASN A 351 10.24 -5.49 1.01
CA ASN A 351 10.42 -6.78 1.68
C ASN A 351 9.69 -7.90 0.95
N LEU A 352 8.57 -7.60 0.28
CA LEU A 352 7.93 -8.59 -0.57
C LEU A 352 8.89 -9.08 -1.64
N VAL A 353 9.76 -8.20 -2.15
CA VAL A 353 10.81 -8.61 -3.07
C VAL A 353 11.93 -9.32 -2.33
N GLU A 354 12.41 -8.72 -1.25
CA GLU A 354 13.63 -9.22 -0.62
C GLU A 354 13.42 -10.57 0.05
N TRP A 355 12.27 -10.78 0.71
CA TRP A 355 12.01 -12.07 1.33
C TRP A 355 12.00 -13.18 0.28
N TYR A 356 11.48 -12.88 -0.91
CA TYR A 356 11.51 -13.85 -2.00
C TYR A 356 12.94 -14.06 -2.51
N LEU A 357 13.68 -12.96 -2.68
CA LEU A 357 15.08 -13.06 -3.13
C LEU A 357 15.92 -13.86 -2.15
N LEU A 358 15.67 -13.70 -0.85
CA LEU A 358 16.42 -14.47 0.14
C LEU A 358 16.15 -15.96 -0.01
N ARG A 359 14.90 -16.32 -0.31
CA ARG A 359 14.56 -17.74 -0.47
C ARG A 359 15.18 -18.31 -1.74
N LYS A 360 15.07 -17.58 -2.86
CA LYS A 360 15.64 -18.07 -4.10
C LYS A 360 17.15 -18.10 -4.05
N ALA A 361 17.77 -17.16 -3.33
CA ALA A 361 19.21 -17.18 -3.14
C ALA A 361 19.63 -18.44 -2.39
N TYR A 362 18.88 -18.82 -1.35
CA TYR A 362 19.20 -20.04 -0.61
C TYR A 362 19.09 -21.27 -1.50
N GLU A 363 18.05 -21.34 -2.33
CA GLU A 363 17.88 -22.48 -3.23
C GLU A 363 19.03 -22.62 -4.20
N ARG A 364 19.66 -21.50 -4.58
CA ARG A 364 20.74 -21.50 -5.56
C ARG A 364 22.12 -21.38 -4.92
N ASN A 365 22.21 -21.51 -3.60
CA ASN A 365 23.48 -21.42 -2.89
C ASN A 365 24.18 -20.09 -3.16
N GLU A 366 23.37 -19.03 -3.27
CA GLU A 366 23.88 -17.69 -3.51
C GLU A 366 23.91 -16.94 -2.18
N LEU A 367 25.10 -16.49 -1.78
CA LEU A 367 25.23 -15.69 -0.57
C LEU A 367 24.49 -14.37 -0.72
N ALA A 368 23.67 -14.03 0.26
CA ALA A 368 22.90 -12.81 0.17
C ALA A 368 23.77 -11.60 0.51
N PRO A 369 23.68 -10.51 -0.27
CA PRO A 369 24.33 -9.26 0.13
C PRO A 369 23.69 -8.73 1.40
N ASN A 370 24.44 -7.88 2.10
CA ASN A 370 23.97 -7.31 3.34
C ASN A 370 23.14 -6.05 3.10
N LYS A 371 22.26 -5.75 4.04
CA LYS A 371 21.69 -4.42 4.10
C LYS A 371 22.83 -3.42 4.32
N PRO A 372 22.74 -2.21 3.77
CA PRO A 372 23.87 -1.28 3.87
C PRO A 372 24.07 -0.78 5.29
N ASP A 373 25.32 -0.44 5.61
CA ASP A 373 25.62 0.23 6.87
C ASP A 373 25.23 1.70 6.77
N GLU A 374 25.55 2.47 7.81
CA GLU A 374 25.12 3.87 7.85
C GLU A 374 25.71 4.68 6.72
N ARG A 375 27.01 4.53 6.45
CA ARG A 375 27.65 5.33 5.41
C ARG A 375 27.13 4.96 4.02
N GLU A 376 26.96 3.66 3.74
CA GLU A 376 26.50 3.25 2.43
C GLU A 376 25.03 3.61 2.22
N TYR A 377 24.22 3.50 3.27
CA TYR A 377 22.82 3.90 3.17
C TYR A 377 22.68 5.37 2.84
N GLU A 378 23.46 6.23 3.51
CA GLU A 378 23.41 7.66 3.24
C GLU A 378 23.91 7.98 1.84
N ARG A 379 24.92 7.24 1.37
CA ARG A 379 25.42 7.47 0.02
C ARG A 379 24.40 7.09 -1.03
N ARG A 380 23.69 5.96 -0.83
CA ARG A 380 22.67 5.56 -1.78
C ARG A 380 21.50 6.55 -1.80
N LEU A 381 21.16 7.09 -0.63
CA LEU A 381 20.07 8.07 -0.56
C LEU A 381 20.38 9.30 -1.40
N ARG A 382 21.62 9.78 -1.35
CA ARG A 382 21.96 11.02 -2.04
C ARG A 382 21.96 10.85 -3.54
N GLU A 383 22.42 9.71 -4.04
CA GLU A 383 22.52 9.51 -5.48
C GLU A 383 21.14 9.26 -6.07
N SER A 384 20.92 9.77 -7.29
CA SER A 384 19.66 9.60 -7.98
C SER A 384 19.95 9.37 -9.46
N TYR A 385 18.88 9.31 -10.26
CA TYR A 385 19.01 8.97 -11.67
C TYR A 385 17.72 9.39 -12.38
N ALA A 386 17.76 9.35 -13.70
CA ALA A 386 16.63 9.80 -14.51
C ALA A 386 15.52 8.76 -14.53
N GLY A 387 14.29 9.23 -14.62
CA GLY A 387 13.13 8.37 -14.56
C GLY A 387 12.36 8.24 -15.86
N GLY A 388 11.04 8.23 -15.77
CA GLY A 388 10.22 8.04 -16.96
C GLY A 388 10.11 9.30 -17.80
N TYR A 389 9.84 9.09 -19.09
CA TYR A 389 9.65 10.20 -20.02
C TYR A 389 8.24 10.75 -19.87
N VAL A 390 8.13 12.06 -19.72
CA VAL A 390 6.84 12.76 -19.61
C VAL A 390 6.81 13.84 -20.68
N LYS A 391 5.79 13.78 -21.54
CA LYS A 391 5.65 14.73 -22.64
C LYS A 391 4.72 15.87 -22.22
N GLU A 392 5.11 17.09 -22.58
CA GLU A 392 4.24 18.23 -22.38
C GLU A 392 2.98 18.06 -23.22
N PRO A 393 1.78 18.10 -22.62
CA PRO A 393 0.58 17.73 -23.36
C PRO A 393 0.19 18.75 -24.41
N GLU A 394 -0.46 18.26 -25.46
CA GLU A 394 -1.04 19.12 -26.48
C GLU A 394 -2.36 19.68 -25.98
N LYS A 395 -2.54 20.99 -26.16
CA LYS A 395 -3.75 21.65 -25.66
C LYS A 395 -4.93 21.39 -26.59
N GLY A 396 -6.13 21.59 -26.05
CA GLY A 396 -7.35 21.49 -26.82
C GLY A 396 -8.21 20.31 -26.37
N LEU A 397 -9.48 20.38 -26.75
CA LEU A 397 -10.42 19.28 -26.51
C LEU A 397 -10.37 18.36 -27.72
N TRP A 398 -9.77 17.19 -27.54
CA TRP A 398 -9.54 16.27 -28.64
C TRP A 398 -10.63 15.20 -28.69
N GLU A 399 -10.78 14.62 -29.88
CA GLU A 399 -11.77 13.59 -30.11
C GLU A 399 -11.10 12.34 -30.67
N ASN A 400 -11.74 11.19 -30.43
CA ASN A 400 -11.32 9.90 -30.97
C ASN A 400 -9.86 9.60 -30.60
N ILE A 401 -9.69 9.32 -29.32
CA ILE A 401 -8.38 9.12 -28.71
C ILE A 401 -8.21 7.66 -28.36
N VAL A 402 -7.03 7.13 -28.63
CA VAL A 402 -6.64 5.82 -28.15
C VAL A 402 -5.54 5.99 -27.11
N TYR A 403 -5.54 5.11 -26.12
CA TYR A 403 -4.46 5.01 -25.15
C TYR A 403 -3.76 3.67 -25.37
N LEU A 404 -2.47 3.71 -25.67
CA LEU A 404 -1.67 2.51 -25.85
C LEU A 404 -0.56 2.50 -24.80
N ASP A 405 -0.41 1.37 -24.12
CA ASP A 405 0.61 1.26 -23.08
C ASP A 405 1.30 -0.09 -23.18
N PHE A 406 2.46 -0.19 -22.54
CA PHE A 406 3.20 -1.44 -22.47
C PHE A 406 2.58 -2.37 -21.44
N ARG A 407 2.64 -3.68 -21.73
CA ARG A 407 2.06 -4.66 -20.83
C ARG A 407 2.71 -4.62 -19.46
N SER A 408 4.04 -4.59 -19.42
CA SER A 408 4.78 -4.51 -18.16
C SER A 408 6.18 -4.00 -18.46
N LEU A 409 6.28 -2.69 -18.75
CA LEU A 409 7.47 -2.12 -19.37
C LEU A 409 8.73 -2.48 -18.59
N TYR A 410 8.76 -2.16 -17.29
CA TYR A 410 10.02 -2.33 -16.54
C TYR A 410 10.37 -3.80 -16.35
N PRO A 411 9.47 -4.69 -15.91
CA PRO A 411 9.85 -6.11 -15.87
C PRO A 411 10.24 -6.67 -17.23
N SER A 412 9.58 -6.25 -18.30
CA SER A 412 9.94 -6.71 -19.64
C SER A 412 11.37 -6.32 -20.00
N ILE A 413 11.77 -5.09 -19.66
CA ILE A 413 13.13 -4.65 -19.94
C ILE A 413 14.13 -5.44 -19.11
N ILE A 414 13.80 -5.69 -17.85
CA ILE A 414 14.71 -6.43 -16.96
C ILE A 414 14.96 -7.83 -17.51
N ILE A 415 13.92 -8.50 -17.98
CA ILE A 415 14.10 -9.85 -18.52
C ILE A 415 14.79 -9.79 -19.88
N THR A 416 14.27 -8.95 -20.79
CA THR A 416 14.77 -8.94 -22.16
C THR A 416 16.25 -8.58 -22.22
N HIS A 417 16.66 -7.58 -21.44
CA HIS A 417 18.05 -7.12 -21.46
C HIS A 417 18.87 -7.69 -20.30
N ASN A 418 18.30 -8.62 -19.52
CA ASN A 418 19.03 -9.36 -18.49
C ASN A 418 19.68 -8.40 -17.49
N VAL A 419 18.90 -7.42 -17.04
CA VAL A 419 19.39 -6.37 -16.15
C VAL A 419 19.42 -6.91 -14.73
N SER A 420 20.62 -7.06 -14.18
CA SER A 420 20.79 -7.67 -12.86
C SER A 420 22.15 -7.24 -12.31
N PRO A 421 22.27 -7.09 -11.00
CA PRO A 421 23.59 -6.76 -10.43
C PRO A 421 24.65 -7.82 -10.69
N ASP A 422 24.26 -9.07 -10.88
CA ASP A 422 25.21 -10.13 -11.19
C ASP A 422 25.52 -10.25 -12.68
N THR A 423 24.90 -9.44 -13.53
CA THR A 423 25.25 -9.40 -14.94
C THR A 423 25.85 -8.08 -15.37
N LEU A 424 25.99 -7.12 -14.45
CA LEU A 424 26.48 -5.78 -14.79
C LEU A 424 28.00 -5.81 -14.93
N ASN A 425 28.49 -5.37 -16.10
CA ASN A 425 29.92 -5.26 -16.36
C ASN A 425 30.67 -6.53 -15.99
N ARG A 426 30.12 -7.66 -16.45
CA ARG A 426 30.69 -8.95 -16.13
C ARG A 426 31.97 -9.19 -16.94
N GLU A 427 33.03 -9.63 -16.26
CA GLU A 427 34.29 -9.89 -16.91
C GLU A 427 34.22 -11.14 -17.76
N GLY A 428 34.94 -11.12 -18.88
CA GLY A 428 34.97 -12.27 -19.78
C GLY A 428 33.63 -12.60 -20.39
N CYS A 429 32.74 -11.62 -20.50
CA CYS A 429 31.41 -11.86 -21.04
C CYS A 429 31.47 -11.87 -22.56
N LYS A 430 30.75 -12.82 -23.16
CA LYS A 430 30.75 -12.99 -24.62
C LYS A 430 29.76 -12.04 -25.30
N GLU A 431 28.49 -12.08 -24.89
CA GLU A 431 27.47 -11.22 -25.47
C GLU A 431 26.82 -10.39 -24.37
N TYR A 432 26.64 -9.10 -24.63
CA TYR A 432 26.05 -8.22 -23.63
C TYR A 432 25.22 -7.15 -24.33
N ASP A 433 24.29 -6.57 -23.58
CA ASP A 433 23.47 -5.44 -24.02
C ASP A 433 23.93 -4.18 -23.30
N VAL A 434 24.06 -3.09 -24.03
CA VAL A 434 24.51 -1.82 -23.48
C VAL A 434 23.31 -0.90 -23.33
N ALA A 435 23.05 -0.45 -22.11
CA ALA A 435 21.94 0.46 -21.87
C ALA A 435 22.18 1.80 -22.56
N PRO A 436 21.15 2.41 -23.13
CA PRO A 436 21.34 3.72 -23.77
C PRO A 436 21.66 4.81 -22.75
N GLN A 437 22.48 5.76 -23.19
CA GLN A 437 22.89 6.95 -22.44
C GLN A 437 23.73 6.63 -21.21
N VAL A 438 23.24 5.72 -20.35
CA VAL A 438 23.99 5.40 -19.14
C VAL A 438 25.12 4.41 -19.42
N GLY A 439 25.05 3.66 -20.52
CA GLY A 439 26.17 2.89 -21.00
C GLY A 439 26.54 1.64 -20.23
N HIS A 440 25.68 1.19 -19.30
CA HIS A 440 25.99 -0.01 -18.53
C HIS A 440 25.84 -1.26 -19.39
N ARG A 441 26.77 -2.19 -19.22
CA ARG A 441 26.77 -3.45 -19.98
C ARG A 441 26.20 -4.57 -19.12
N PHE A 442 25.25 -5.31 -19.68
CA PHE A 442 24.62 -6.43 -18.98
C PHE A 442 24.88 -7.69 -19.77
N CYS A 443 25.57 -8.65 -19.15
CA CYS A 443 25.93 -9.89 -19.81
C CYS A 443 24.70 -10.70 -20.17
N LYS A 444 24.72 -11.31 -21.35
CA LYS A 444 23.63 -12.16 -21.84
C LYS A 444 23.98 -13.63 -21.86
N ASP A 445 25.17 -14.02 -21.41
CA ASP A 445 25.60 -15.42 -21.50
C ASP A 445 24.74 -16.31 -20.61
N PHE A 446 24.47 -15.87 -19.39
CA PHE A 446 23.65 -16.59 -18.43
C PHE A 446 22.56 -15.69 -17.91
N PRO A 447 21.37 -16.22 -17.65
CA PRO A 447 20.29 -15.37 -17.13
C PRO A 447 20.63 -14.83 -15.75
N GLY A 448 20.37 -13.55 -15.56
CA GLY A 448 20.63 -12.93 -14.27
C GLY A 448 19.69 -13.45 -13.20
N PHE A 449 20.12 -13.26 -11.95
CA PHE A 449 19.37 -13.77 -10.80
C PHE A 449 17.94 -13.25 -10.80
N ILE A 450 17.77 -11.95 -10.88
CA ILE A 450 16.44 -11.35 -10.80
C ILE A 450 15.68 -11.53 -12.12
N PRO A 451 16.30 -11.32 -13.29
CA PRO A 451 15.59 -11.64 -14.55
C PRO A 451 15.05 -13.06 -14.59
N SER A 452 15.79 -14.05 -14.06
CA SER A 452 15.33 -15.43 -14.06
C SER A 452 14.11 -15.66 -13.17
N LEU A 453 13.73 -14.67 -12.35
CA LEU A 453 12.58 -14.83 -11.46
C LEU A 453 11.34 -14.07 -11.91
N LEU A 454 11.48 -13.02 -12.71
CA LEU A 454 10.35 -12.16 -13.05
C LEU A 454 9.42 -12.81 -14.07
N GLY A 455 9.94 -13.70 -14.91
CA GLY A 455 9.10 -14.33 -15.92
C GLY A 455 7.95 -15.10 -15.33
N ASP A 456 8.21 -15.89 -14.28
CA ASP A 456 7.14 -16.65 -13.64
C ASP A 456 6.12 -15.72 -12.99
N LEU A 457 6.59 -14.62 -12.39
CA LEU A 457 5.67 -13.67 -11.77
C LEU A 457 4.76 -13.04 -12.82
N LEU A 458 5.31 -12.69 -13.98
CA LEU A 458 4.50 -12.12 -15.05
C LEU A 458 3.48 -13.12 -15.56
N GLU A 459 3.87 -14.40 -15.66
CA GLU A 459 2.93 -15.42 -16.13
C GLU A 459 1.82 -15.64 -15.12
N GLU A 460 2.14 -15.57 -13.82
CA GLU A 460 1.10 -15.67 -12.80
C GLU A 460 0.07 -14.56 -12.97
N ARG A 461 0.53 -13.37 -13.36
CA ARG A 461 -0.39 -12.26 -13.58
C ARG A 461 -1.26 -12.51 -14.81
N GLN A 462 -0.66 -13.01 -15.89
CA GLN A 462 -1.43 -13.31 -17.10
C GLN A 462 -2.44 -14.43 -16.85
N LYS A 463 -2.11 -15.39 -15.98
CA LYS A 463 -3.07 -16.43 -15.62
C LYS A 463 -4.30 -15.82 -14.95
N ILE A 464 -4.08 -14.84 -14.07
CA ILE A 464 -5.20 -14.18 -13.42
C ILE A 464 -5.96 -13.31 -14.42
N LYS A 465 -5.23 -12.65 -15.32
CA LYS A 465 -5.89 -11.81 -16.33
C LYS A 465 -6.77 -12.64 -17.25
N ARG A 466 -6.41 -13.90 -17.51
CA ARG A 466 -7.23 -14.77 -18.34
C ARG A 466 -8.48 -15.22 -17.59
N LYS A 467 -8.32 -15.65 -16.34
CA LYS A 467 -9.48 -16.06 -15.56
C LYS A 467 -10.43 -14.89 -15.32
N MET A 468 -9.91 -13.67 -15.24
CA MET A 468 -10.76 -12.50 -15.06
C MET A 468 -11.67 -12.29 -16.27
N LYS A 469 -11.12 -12.41 -17.47
CA LYS A 469 -11.93 -12.23 -18.68
C LYS A 469 -12.97 -13.34 -18.83
N ALA A 470 -12.65 -14.55 -18.37
CA ALA A 470 -13.56 -15.68 -18.49
C ALA A 470 -14.59 -15.74 -17.37
N THR A 471 -14.53 -14.83 -16.40
CA THR A 471 -15.46 -14.80 -15.28
C THR A 471 -16.52 -13.73 -15.55
N VAL A 472 -17.78 -14.15 -15.62
CA VAL A 472 -18.86 -13.22 -15.91
C VAL A 472 -19.31 -12.48 -14.66
N ASP A 473 -19.32 -13.15 -13.51
CA ASP A 473 -19.78 -12.57 -12.25
C ASP A 473 -19.06 -11.24 -11.99
N PRO A 474 -19.79 -10.13 -11.86
CA PRO A 474 -19.11 -8.83 -11.73
C PRO A 474 -18.23 -8.72 -10.50
N LEU A 475 -18.65 -9.25 -9.36
CA LEU A 475 -17.84 -9.16 -8.15
C LEU A 475 -16.57 -10.01 -8.28
N GLU A 476 -16.73 -11.26 -8.70
CA GLU A 476 -15.58 -12.13 -8.89
C GLU A 476 -14.63 -11.56 -9.94
N LYS A 477 -15.17 -10.94 -10.98
CA LYS A 477 -14.33 -10.32 -12.00
C LYS A 477 -13.55 -9.15 -11.44
N LYS A 478 -14.19 -8.32 -10.62
CA LYS A 478 -13.50 -7.18 -10.03
C LYS A 478 -12.39 -7.62 -9.08
N LEU A 479 -12.64 -8.68 -8.30
CA LEU A 479 -11.63 -9.15 -7.37
C LEU A 479 -10.41 -9.68 -8.11
N LEU A 480 -10.62 -10.38 -9.23
CA LEU A 480 -9.50 -10.84 -10.04
C LEU A 480 -8.77 -9.67 -10.68
N ASP A 481 -9.49 -8.61 -11.03
CA ASP A 481 -8.84 -7.41 -11.54
C ASP A 481 -7.97 -6.75 -10.47
N TYR A 482 -8.45 -6.68 -9.23
CA TYR A 482 -7.62 -6.24 -8.12
C TYR A 482 -6.38 -7.12 -7.99
N ARG A 483 -6.55 -8.43 -8.16
CA ARG A 483 -5.47 -9.38 -7.95
C ARG A 483 -4.37 -9.25 -9.00
N GLN A 484 -4.75 -9.20 -10.27
CA GLN A 484 -3.76 -9.08 -11.33
C GLN A 484 -3.02 -7.74 -11.27
N ARG A 485 -3.67 -6.69 -10.74
CA ARG A 485 -3.00 -5.42 -10.59
C ARG A 485 -1.95 -5.47 -9.48
N ARG A 486 -2.25 -6.20 -8.40
CA ARG A 486 -1.28 -6.35 -7.32
C ARG A 486 -0.02 -7.07 -7.82
N ILE A 487 -0.18 -8.07 -8.67
CA ILE A 487 0.98 -8.79 -9.19
C ILE A 487 1.77 -7.91 -10.15
N LYS A 488 1.07 -7.11 -10.96
CA LYS A 488 1.76 -6.22 -11.88
C LYS A 488 2.61 -5.20 -11.14
N ILE A 489 2.08 -4.65 -10.03
CA ILE A 489 2.83 -3.67 -9.26
C ILE A 489 3.98 -4.32 -8.52
N LEU A 490 3.77 -5.55 -8.02
CA LEU A 490 4.85 -6.27 -7.35
C LEU A 490 6.01 -6.52 -8.31
N ALA A 491 5.71 -6.96 -9.53
CA ALA A 491 6.77 -7.21 -10.50
C ALA A 491 7.49 -5.91 -10.86
N SER A 492 6.73 -4.84 -11.12
CA SER A 492 7.35 -3.56 -11.45
C SER A 492 8.12 -2.99 -10.27
N SER A 493 7.75 -3.36 -9.04
CA SER A 493 8.49 -2.95 -7.85
C SER A 493 9.89 -3.55 -7.80
N TYR A 494 10.20 -4.55 -8.64
CA TYR A 494 11.56 -5.03 -8.72
C TYR A 494 12.50 -3.95 -9.26
N TYR A 495 12.00 -3.13 -10.19
CA TYR A 495 12.80 -1.98 -10.66
C TYR A 495 13.05 -1.00 -9.53
N GLY A 496 12.01 -0.65 -8.78
CA GLY A 496 12.17 0.29 -7.68
C GLY A 496 13.09 -0.26 -6.60
N TYR A 497 13.00 -1.56 -6.33
CA TYR A 497 13.92 -2.20 -5.40
C TYR A 497 15.38 -1.95 -5.79
N TYR A 498 15.67 -1.94 -7.10
CA TYR A 498 17.04 -1.68 -7.56
C TYR A 498 17.54 -0.32 -7.08
N GLY A 499 16.66 0.67 -6.96
CA GLY A 499 17.03 1.98 -6.51
C GLY A 499 16.71 2.29 -5.06
N TYR A 500 16.21 1.30 -4.32
CA TYR A 500 15.84 1.46 -2.91
C TYR A 500 17.08 1.36 -2.04
N ALA A 501 17.33 2.41 -1.25
CA ALA A 501 18.60 2.52 -0.54
C ALA A 501 18.85 1.35 0.43
N ARG A 502 17.80 0.78 1.01
CA ARG A 502 17.97 -0.30 1.98
C ARG A 502 18.08 -1.68 1.34
N ALA A 503 18.04 -1.76 0.01
CA ALA A 503 17.97 -3.06 -0.66
C ALA A 503 19.28 -3.82 -0.54
N ARG A 504 19.17 -5.12 -0.27
CA ARG A 504 20.34 -6.00 -0.32
C ARG A 504 20.90 -6.05 -1.73
N TRP A 505 20.08 -6.42 -2.70
CA TRP A 505 20.46 -6.45 -4.11
C TRP A 505 20.28 -5.09 -4.78
N TYR A 506 20.65 -4.02 -4.07
CA TYR A 506 20.65 -2.68 -4.63
C TYR A 506 21.50 -2.63 -5.90
N CYS A 507 21.03 -1.88 -6.90
CA CYS A 507 21.78 -1.75 -8.16
C CYS A 507 21.33 -0.48 -8.87
N LYS A 508 21.97 0.64 -8.54
CA LYS A 508 21.61 1.91 -9.16
C LYS A 508 21.86 1.89 -10.67
N GLU A 509 22.94 1.24 -11.09
CA GLU A 509 23.20 1.08 -12.51
C GLU A 509 22.07 0.30 -13.18
N CYS A 510 21.53 -0.72 -12.49
CA CYS A 510 20.40 -1.45 -13.03
C CYS A 510 19.16 -0.57 -13.12
N ALA A 511 18.90 0.24 -12.09
CA ALA A 511 17.69 1.05 -12.07
C ALA A 511 17.68 2.06 -13.20
N GLU A 512 18.78 2.81 -13.36
CA GLU A 512 18.83 3.84 -14.39
C GLU A 512 18.96 3.25 -15.79
N SER A 513 19.41 1.99 -15.90
CA SER A 513 19.39 1.31 -17.20
C SER A 513 17.97 0.96 -17.60
N VAL A 514 17.17 0.50 -16.64
CA VAL A 514 15.77 0.16 -16.93
C VAL A 514 15.01 1.39 -17.38
N THR A 515 15.17 2.52 -16.69
CA THR A 515 14.44 3.73 -17.08
C THR A 515 14.94 4.26 -18.41
N ALA A 516 16.25 4.18 -18.66
CA ALA A 516 16.78 4.64 -19.93
C ALA A 516 16.22 3.82 -21.08
N TRP A 517 16.21 2.49 -20.94
CA TRP A 517 15.58 1.65 -21.96
C TRP A 517 14.10 1.97 -22.08
N GLY A 518 13.44 2.23 -20.95
CA GLY A 518 12.03 2.59 -20.99
C GLY A 518 11.77 3.87 -21.76
N ARG A 519 12.57 4.91 -21.52
CA ARG A 519 12.43 6.14 -22.28
C ARG A 519 12.67 5.91 -23.77
N GLN A 520 13.69 5.09 -24.10
CA GLN A 520 13.97 4.81 -25.51
C GLN A 520 12.79 4.10 -26.17
N TYR A 521 12.18 3.13 -25.48
CA TYR A 521 11.13 2.34 -26.12
C TYR A 521 9.85 3.14 -26.30
N ILE A 522 9.47 3.95 -25.30
CA ILE A 522 8.27 4.76 -25.48
C ILE A 522 8.50 5.84 -26.53
N GLU A 523 9.69 6.41 -26.59
CA GLU A 523 9.97 7.39 -27.62
C GLU A 523 10.01 6.75 -29.01
N THR A 524 10.40 5.47 -29.08
CA THR A 524 10.37 4.75 -30.35
C THR A 524 8.94 4.55 -30.82
N THR A 525 8.05 4.09 -29.92
CA THR A 525 6.66 3.89 -30.32
C THR A 525 6.00 5.19 -30.71
N ILE A 526 6.34 6.28 -30.00
CA ILE A 526 5.77 7.59 -30.31
C ILE A 526 6.23 8.05 -31.69
N ARG A 527 7.52 7.91 -31.98
CA ARG A 527 8.05 8.33 -33.28
C ARG A 527 7.46 7.50 -34.41
N GLU A 528 7.29 6.19 -34.19
CA GLU A 528 6.78 5.33 -35.26
C GLU A 528 5.31 5.60 -35.55
N ILE A 529 4.50 5.81 -34.52
CA ILE A 529 3.07 6.01 -34.76
C ILE A 529 2.82 7.34 -35.47
N GLU A 530 3.69 8.32 -35.25
CA GLU A 530 3.52 9.62 -35.92
C GLU A 530 4.03 9.57 -37.35
N GLU A 531 5.21 8.98 -37.57
CA GLU A 531 5.83 9.00 -38.89
C GLU A 531 5.14 8.05 -39.86
N LYS A 532 4.85 6.83 -39.42
CA LYS A 532 4.36 5.81 -40.34
C LYS A 532 2.85 5.73 -40.42
N PHE A 533 2.14 6.15 -39.38
CA PHE A 533 0.68 6.05 -39.37
C PHE A 533 0.00 7.40 -39.22
N GLY A 534 0.75 8.50 -39.27
CA GLY A 534 0.16 9.83 -39.24
C GLY A 534 -0.61 10.16 -37.98
N PHE A 535 -0.29 9.50 -36.87
CA PHE A 535 -0.95 9.82 -35.62
C PHE A 535 -0.36 11.09 -35.02
N LYS A 536 -1.11 11.70 -34.11
CA LYS A 536 -0.62 12.82 -33.29
C LYS A 536 -0.67 12.37 -31.84
N VAL A 537 0.50 12.28 -31.21
CA VAL A 537 0.57 11.92 -29.80
C VAL A 537 0.22 13.14 -28.97
N LEU A 538 -0.82 13.03 -28.15
CA LEU A 538 -1.31 14.15 -27.36
C LEU A 538 -0.70 14.23 -25.97
N TYR A 539 -0.37 13.09 -25.38
CA TYR A 539 0.16 13.03 -24.02
C TYR A 539 0.81 11.67 -23.83
N ALA A 540 1.92 11.66 -23.08
CA ALA A 540 2.66 10.43 -22.82
C ALA A 540 3.31 10.52 -21.45
N ASP A 541 3.33 9.39 -20.75
CA ASP A 541 3.94 9.34 -19.42
C ASP A 541 4.47 7.93 -19.14
N THR A 542 5.79 7.77 -19.21
CA THR A 542 6.52 6.59 -18.78
C THR A 542 6.27 5.36 -19.64
N ASP A 543 5.07 4.77 -19.57
CA ASP A 543 4.82 3.50 -20.24
C ASP A 543 3.58 3.51 -21.12
N GLY A 544 3.01 4.68 -21.43
CA GLY A 544 1.84 4.75 -22.28
C GLY A 544 1.67 6.13 -22.85
N PHE A 545 0.82 6.23 -23.87
CA PHE A 545 0.53 7.53 -24.46
C PHE A 545 -0.89 7.56 -25.02
N PHE A 546 -1.43 8.77 -25.12
CA PHE A 546 -2.69 9.05 -25.79
C PHE A 546 -2.40 9.59 -27.18
N ALA A 547 -3.14 9.11 -28.18
CA ALA A 547 -2.86 9.49 -29.55
C ALA A 547 -4.17 9.52 -30.33
N THR A 548 -4.17 10.30 -31.41
CA THR A 548 -5.30 10.35 -32.32
C THR A 548 -4.80 10.67 -33.72
N ILE A 549 -5.69 10.51 -34.70
CA ILE A 549 -5.47 11.00 -36.05
C ILE A 549 -6.33 12.25 -36.21
N PRO A 550 -5.74 13.45 -36.29
CA PRO A 550 -6.56 14.67 -36.35
C PRO A 550 -7.48 14.67 -37.56
N GLY A 551 -8.77 14.92 -37.30
CA GLY A 551 -9.77 14.99 -38.33
C GLY A 551 -10.43 13.67 -38.68
N ALA A 552 -9.84 12.55 -38.27
CA ALA A 552 -10.39 11.24 -38.63
C ALA A 552 -11.55 10.88 -37.71
N ASP A 553 -12.44 10.02 -38.21
CA ASP A 553 -13.57 9.57 -37.42
C ASP A 553 -13.14 8.40 -36.51
N ALA A 554 -14.09 7.93 -35.70
CA ALA A 554 -13.74 6.94 -34.67
C ALA A 554 -13.31 5.62 -35.30
N GLU A 555 -13.97 5.20 -36.39
CA GLU A 555 -13.65 3.90 -36.99
C GLU A 555 -12.26 3.91 -37.63
N THR A 556 -11.88 5.04 -38.25
CA THR A 556 -10.55 5.10 -38.85
C THR A 556 -9.46 5.09 -37.78
N VAL A 557 -9.66 5.85 -36.70
CA VAL A 557 -8.68 5.86 -35.62
C VAL A 557 -8.54 4.47 -35.01
N LYS A 558 -9.65 3.78 -34.78
CA LYS A 558 -9.59 2.43 -34.25
C LYS A 558 -8.86 1.48 -35.19
N LYS A 559 -9.20 1.52 -36.48
CA LYS A 559 -8.61 0.60 -37.45
C LYS A 559 -7.11 0.84 -37.59
N LYS A 560 -6.70 2.10 -37.72
CA LYS A 560 -5.29 2.41 -37.89
C LYS A 560 -4.49 2.15 -36.62
N ALA A 561 -5.13 2.19 -35.45
CA ALA A 561 -4.43 1.90 -34.21
C ALA A 561 -4.05 0.41 -34.11
N LYS A 562 -4.99 -0.48 -34.45
CA LYS A 562 -4.66 -1.90 -34.41
C LYS A 562 -3.61 -2.25 -35.46
N GLU A 563 -3.67 -1.60 -36.62
CA GLU A 563 -2.64 -1.80 -37.63
C GLU A 563 -1.27 -1.39 -37.10
N PHE A 564 -1.21 -0.25 -36.42
CA PHE A 564 0.07 0.19 -35.85
C PHE A 564 0.55 -0.77 -34.76
N LEU A 565 -0.38 -1.31 -33.98
CA LEU A 565 0.00 -2.25 -32.93
C LEU A 565 0.61 -3.52 -33.53
N ASP A 566 0.04 -4.01 -34.63
CA ASP A 566 0.67 -5.13 -35.33
C ASP A 566 2.05 -4.73 -35.83
N TYR A 567 2.17 -3.52 -36.38
CA TYR A 567 3.45 -3.07 -36.91
C TYR A 567 4.48 -2.91 -35.79
N ILE A 568 4.12 -2.22 -34.71
CA ILE A 568 5.11 -1.89 -33.69
C ILE A 568 5.48 -3.12 -32.87
N ASN A 569 4.55 -4.06 -32.69
CA ASN A 569 4.88 -5.24 -31.92
C ASN A 569 5.79 -6.18 -32.70
N ALA A 570 5.72 -6.16 -34.03
CA ALA A 570 6.71 -6.90 -34.82
C ALA A 570 8.10 -6.33 -34.63
N LYS A 571 8.20 -5.00 -34.54
CA LYS A 571 9.51 -4.36 -34.37
C LYS A 571 10.03 -4.51 -32.94
N LEU A 572 9.17 -4.35 -31.94
CA LEU A 572 9.63 -4.39 -30.54
C LEU A 572 10.15 -5.79 -30.20
N PRO A 573 11.32 -5.91 -29.54
CA PRO A 573 11.92 -7.22 -29.30
C PRO A 573 11.66 -7.80 -27.92
N GLY A 574 11.95 -9.10 -27.76
CA GLY A 574 11.87 -9.71 -26.44
C GLY A 574 10.45 -9.73 -25.90
N LEU A 575 10.32 -9.34 -24.63
CA LEU A 575 9.04 -9.35 -23.94
C LEU A 575 8.29 -8.02 -24.03
N LEU A 576 8.87 -7.02 -24.68
CA LEU A 576 8.19 -5.74 -24.82
C LEU A 576 6.98 -5.88 -25.73
N GLU A 577 5.84 -5.37 -25.28
CA GLU A 577 4.59 -5.50 -25.99
C GLU A 577 3.72 -4.29 -25.69
N LEU A 578 3.29 -3.60 -26.74
CA LEU A 578 2.35 -2.49 -26.62
C LEU A 578 0.93 -3.00 -26.80
N GLU A 579 0.03 -2.51 -25.96
CA GLU A 579 -1.33 -3.02 -25.87
C GLU A 579 -2.35 -1.91 -26.13
N TYR A 580 -3.52 -2.32 -26.62
CA TYR A 580 -4.67 -1.44 -26.83
C TYR A 580 -5.42 -1.32 -25.51
N GLU A 581 -5.23 -0.20 -24.82
CA GLU A 581 -5.87 -0.04 -23.50
C GLU A 581 -7.33 0.34 -23.63
N GLY A 582 -7.64 1.31 -24.47
CA GLY A 582 -9.03 1.71 -24.65
C GLY A 582 -9.15 2.85 -25.63
N PHE A 583 -10.40 3.11 -26.01
CA PHE A 583 -10.76 4.20 -26.91
C PHE A 583 -11.60 5.22 -26.14
N TYR A 584 -11.42 6.49 -26.48
CA TYR A 584 -12.12 7.58 -25.79
C TYR A 584 -12.62 8.58 -26.82
N LYS A 585 -13.91 8.92 -26.74
CA LYS A 585 -14.49 9.79 -27.75
C LYS A 585 -14.06 11.25 -27.56
N ARG A 586 -13.75 11.63 -26.33
CA ARG A 586 -13.29 12.99 -26.06
C ARG A 586 -12.28 12.95 -24.92
N GLY A 587 -11.39 13.93 -24.92
CA GLY A 587 -10.45 14.06 -23.83
C GLY A 587 -9.58 15.30 -23.93
N PHE A 588 -9.09 15.78 -22.80
CA PHE A 588 -8.17 16.90 -22.77
C PHE A 588 -7.12 16.63 -21.71
N PHE A 589 -5.98 17.31 -21.85
CA PHE A 589 -4.81 17.08 -21.00
C PHE A 589 -4.35 18.43 -20.47
N VAL A 590 -4.68 18.72 -19.22
CA VAL A 590 -4.44 20.02 -18.59
C VAL A 590 -2.94 20.29 -18.52
N THR A 591 -2.24 19.53 -17.68
CA THR A 591 -0.79 19.64 -17.55
C THR A 591 -0.19 18.24 -17.57
N LYS A 592 1.12 18.13 -17.34
CA LYS A 592 1.68 16.82 -17.04
C LYS A 592 1.02 16.26 -15.79
N LYS A 593 0.68 14.98 -15.84
CA LYS A 593 0.02 14.22 -14.77
C LYS A 593 -1.43 14.64 -14.53
N LYS A 594 -2.00 15.49 -15.39
CA LYS A 594 -3.36 15.99 -15.21
C LYS A 594 -4.13 15.86 -16.52
N TYR A 595 -5.16 15.02 -16.54
CA TYR A 595 -5.92 14.78 -17.76
C TYR A 595 -7.31 14.26 -17.40
N ALA A 596 -8.18 14.22 -18.41
CA ALA A 596 -9.52 13.67 -18.25
C ALA A 596 -10.02 13.18 -19.60
N VAL A 597 -10.58 11.98 -19.63
CA VAL A 597 -11.08 11.37 -20.87
C VAL A 597 -12.43 10.73 -20.58
N ILE A 598 -13.15 10.41 -21.65
CA ILE A 598 -14.48 9.81 -21.55
C ILE A 598 -14.60 8.72 -22.61
N ASP A 599 -15.09 7.54 -22.21
CA ASP A 599 -15.21 6.44 -23.14
C ASP A 599 -16.56 6.51 -23.85
N GLU A 600 -16.82 5.53 -24.73
CA GLU A 600 -18.07 5.50 -25.47
C GLU A 600 -19.26 5.13 -24.60
N GLU A 601 -19.03 4.70 -23.37
CA GLU A 601 -20.10 4.49 -22.40
C GLU A 601 -20.33 5.70 -21.50
N ASP A 602 -19.77 6.85 -21.86
CA ASP A 602 -19.89 8.12 -21.11
C ASP A 602 -19.25 8.03 -19.72
N LYS A 603 -18.34 7.08 -19.53
CA LYS A 603 -17.63 6.95 -18.25
C LYS A 603 -16.37 7.81 -18.30
N ILE A 604 -16.24 8.72 -17.33
CA ILE A 604 -15.17 9.71 -17.30
C ILE A 604 -14.08 9.23 -16.36
N THR A 605 -12.89 9.00 -16.89
CA THR A 605 -11.72 8.69 -16.07
C THR A 605 -10.76 9.86 -16.11
N THR A 606 -10.18 10.17 -14.96
CA THR A 606 -9.30 11.33 -14.82
C THR A 606 -8.00 10.91 -14.17
N GLY A 607 -7.00 11.78 -14.30
CA GLY A 607 -5.73 11.58 -13.64
C GLY A 607 -5.24 12.83 -12.94
N GLY A 608 -4.90 12.70 -11.65
CA GLY A 608 -4.33 13.81 -10.90
C GLY A 608 -5.19 15.04 -10.78
N LEU A 609 -6.50 14.92 -10.95
CA LEU A 609 -7.38 16.08 -10.90
C LEU A 609 -7.82 16.37 -9.46
N GLU A 610 -8.40 17.55 -9.27
CA GLU A 610 -8.78 18.00 -7.92
C GLU A 610 -9.94 17.21 -7.34
N ILE A 611 -10.75 16.55 -8.18
CA ILE A 611 -11.89 15.78 -7.69
C ILE A 611 -11.46 14.66 -6.76
N VAL A 612 -10.23 14.17 -6.89
CA VAL A 612 -9.73 13.05 -6.10
C VAL A 612 -8.92 13.53 -4.90
N ARG A 613 -8.17 14.61 -5.04
CA ARG A 613 -7.20 15.01 -4.02
C ARG A 613 -7.89 15.57 -2.79
N ARG A 614 -7.14 15.60 -1.69
CA ARG A 614 -7.56 16.27 -0.47
C ARG A 614 -7.18 17.76 -0.54
N GLY A 615 -7.71 18.52 0.41
CA GLY A 615 -7.47 19.95 0.44
C GLY A 615 -8.37 20.77 -0.45
N TRP A 616 -9.36 20.15 -1.08
CA TRP A 616 -10.31 20.85 -1.94
C TRP A 616 -11.72 20.64 -1.39
N SER A 617 -12.47 21.74 -1.29
CA SER A 617 -13.82 21.67 -0.76
C SER A 617 -14.74 20.93 -1.72
N GLU A 618 -15.89 20.49 -1.20
CA GLU A 618 -16.85 19.77 -2.03
C GLU A 618 -17.38 20.65 -3.14
N ILE A 619 -17.59 21.95 -2.87
CA ILE A 619 -18.13 22.83 -3.90
C ILE A 619 -17.16 22.95 -5.07
N ALA A 620 -15.86 22.84 -4.81
CA ALA A 620 -14.90 22.90 -5.92
C ALA A 620 -14.86 21.59 -6.69
N LYS A 621 -14.88 20.45 -5.98
CA LYS A 621 -14.89 19.16 -6.67
C LYS A 621 -16.19 18.96 -7.45
N GLU A 622 -17.32 19.31 -6.83
CA GLU A 622 -18.61 19.17 -7.51
C GLU A 622 -18.67 20.02 -8.77
N THR A 623 -18.19 21.26 -8.69
CA THR A 623 -18.20 22.13 -9.86
C THR A 623 -17.25 21.60 -10.95
N GLN A 624 -16.08 21.11 -10.55
CA GLN A 624 -15.17 20.51 -11.52
C GLN A 624 -15.82 19.30 -12.18
N ALA A 625 -16.47 18.45 -11.40
CA ALA A 625 -17.11 17.26 -11.97
C ALA A 625 -18.20 17.64 -12.98
N ARG A 626 -18.98 18.69 -12.67
CA ARG A 626 -20.00 19.14 -13.61
C ARG A 626 -19.39 19.76 -14.86
N VAL A 627 -18.25 20.46 -14.71
CA VAL A 627 -17.59 21.04 -15.87
C VAL A 627 -16.97 19.93 -16.73
N LEU A 628 -16.44 18.89 -16.09
CA LEU A 628 -15.91 17.75 -16.84
C LEU A 628 -16.99 17.11 -17.70
N GLU A 629 -18.17 16.88 -17.11
CA GLU A 629 -19.24 16.24 -17.85
C GLU A 629 -19.75 17.12 -18.99
N ALA A 630 -19.86 18.43 -18.74
CA ALA A 630 -20.33 19.33 -19.78
C ALA A 630 -19.38 19.40 -20.96
N LEU A 631 -18.07 19.30 -20.71
CA LEU A 631 -17.07 19.38 -21.78
C LEU A 631 -16.86 18.05 -22.48
N LEU A 632 -16.77 16.95 -21.73
CA LEU A 632 -16.44 15.63 -22.29
C LEU A 632 -17.66 14.93 -22.85
N LYS A 633 -18.76 14.88 -22.10
CA LYS A 633 -19.96 14.18 -22.56
C LYS A 633 -20.77 15.05 -23.53
N ASP A 634 -21.09 16.28 -23.12
CA ASP A 634 -21.94 17.14 -23.93
C ASP A 634 -21.17 17.96 -24.96
N GLY A 635 -19.86 18.09 -24.80
CA GLY A 635 -19.10 18.96 -25.69
C GLY A 635 -19.60 20.38 -25.71
N ASP A 636 -20.06 20.88 -24.56
CA ASP A 636 -20.77 22.15 -24.45
C ASP A 636 -19.96 23.10 -23.58
N VAL A 637 -19.13 23.94 -24.21
CA VAL A 637 -18.31 24.89 -23.46
C VAL A 637 -19.18 25.94 -22.80
N GLU A 638 -20.25 26.37 -23.49
CA GLU A 638 -21.13 27.39 -22.91
C GLU A 638 -21.85 26.87 -21.68
N LYS A 639 -22.19 25.57 -21.66
CA LYS A 639 -22.79 24.99 -20.47
C LYS A 639 -21.80 24.94 -19.32
N ALA A 640 -20.55 24.57 -19.61
CA ALA A 640 -19.53 24.54 -18.57
C ALA A 640 -19.31 25.93 -17.98
N VAL A 641 -19.28 26.95 -18.84
CA VAL A 641 -19.12 28.32 -18.36
C VAL A 641 -20.33 28.75 -17.54
N ARG A 642 -21.53 28.38 -17.99
CA ARG A 642 -22.74 28.70 -17.25
C ARG A 642 -22.72 28.09 -15.85
N ILE A 643 -22.23 26.85 -15.73
CA ILE A 643 -22.18 26.19 -14.43
C ILE A 643 -21.26 26.95 -13.48
N VAL A 644 -20.12 27.43 -13.99
CA VAL A 644 -19.20 28.18 -13.15
C VAL A 644 -19.82 29.50 -12.71
N LYS A 645 -20.51 30.19 -13.63
CA LYS A 645 -21.16 31.45 -13.28
C LYS A 645 -22.22 31.24 -12.20
N GLU A 646 -22.98 30.15 -12.30
CA GLU A 646 -24.03 29.89 -11.32
C GLU A 646 -23.44 29.57 -9.95
N VAL A 647 -22.37 28.77 -9.91
CA VAL A 647 -21.78 28.39 -8.63
C VAL A 647 -21.14 29.59 -7.94
N THR A 648 -20.43 30.44 -8.70
CA THR A 648 -19.82 31.62 -8.09
C THR A 648 -20.88 32.63 -7.65
N GLU A 649 -22.01 32.69 -8.34
CA GLU A 649 -23.10 33.55 -7.89
C GLU A 649 -23.72 33.03 -6.60
N LYS A 650 -23.93 31.72 -6.51
CA LYS A 650 -24.46 31.13 -5.29
C LYS A 650 -23.54 31.37 -4.10
N LEU A 651 -22.22 31.32 -4.34
CA LEU A 651 -21.28 31.60 -3.25
C LEU A 651 -21.32 33.08 -2.86
N SER A 652 -21.37 33.97 -3.85
CA SER A 652 -21.42 35.40 -3.56
C SER A 652 -22.68 35.78 -2.80
N LYS A 653 -23.79 35.09 -3.06
CA LYS A 653 -25.04 35.36 -2.38
C LYS A 653 -25.26 34.45 -1.17
N TYR A 654 -24.23 33.72 -0.75
CA TYR A 654 -24.25 32.90 0.47
C TYR A 654 -25.39 31.88 0.44
N GLU A 655 -25.63 31.30 -0.74
CA GLU A 655 -26.64 30.27 -0.90
C GLU A 655 -26.05 28.86 -0.91
N VAL A 656 -24.73 28.73 -0.81
CA VAL A 656 -24.08 27.42 -0.77
C VAL A 656 -24.03 26.94 0.67
N PRO A 657 -24.45 25.71 0.95
CA PRO A 657 -24.36 25.20 2.34
C PRO A 657 -22.93 25.16 2.81
N PRO A 658 -22.66 25.64 4.04
CA PRO A 658 -21.29 25.62 4.55
C PRO A 658 -20.68 24.23 4.62
N GLU A 659 -21.49 23.17 4.59
CA GLU A 659 -20.96 21.82 4.59
C GLU A 659 -20.16 21.52 3.33
N LYS A 660 -20.50 22.17 2.22
CA LYS A 660 -19.78 22.01 0.96
C LYS A 660 -18.47 22.79 0.92
N LEU A 661 -18.18 23.57 1.96
CA LEU A 661 -16.98 24.39 2.01
C LEU A 661 -15.92 23.84 2.95
N VAL A 662 -16.13 22.65 3.51
CA VAL A 662 -15.16 22.10 4.43
C VAL A 662 -13.95 21.57 3.65
N ILE A 663 -12.76 21.88 4.14
CA ILE A 663 -11.51 21.45 3.55
C ILE A 663 -10.83 20.51 4.52
N HIS A 664 -10.45 19.33 4.03
CA HIS A 664 -9.82 18.30 4.86
C HIS A 664 -8.35 18.19 4.48
N GLU A 665 -7.47 18.36 5.46
CA GLU A 665 -6.03 18.24 5.25
C GLU A 665 -5.42 17.54 6.44
N GLN A 666 -4.47 16.64 6.17
CA GLN A 666 -3.91 15.76 7.18
C GLN A 666 -2.64 16.34 7.77
N ILE A 667 -2.53 16.24 9.10
CA ILE A 667 -1.28 16.57 9.79
C ILE A 667 -0.32 15.40 9.65
N THR A 668 0.92 15.69 9.27
CA THR A 668 1.88 14.65 8.91
C THR A 668 3.04 14.53 9.91
N ARG A 669 3.01 15.27 11.01
CA ARG A 669 4.12 15.29 11.94
C ARG A 669 3.67 15.90 13.25
N ASP A 670 4.57 15.94 14.22
CA ASP A 670 4.32 16.70 15.44
C ASP A 670 4.25 18.18 15.09
N LEU A 671 3.33 18.89 15.74
CA LEU A 671 3.12 20.30 15.42
C LEU A 671 4.38 21.12 15.66
N ARG A 672 5.26 20.67 16.55
CA ARG A 672 6.52 21.38 16.79
C ARG A 672 7.44 21.34 15.57
N ASP A 673 7.35 20.27 14.77
CA ASP A 673 8.25 20.07 13.65
C ASP A 673 7.83 20.82 12.40
N TYR A 674 6.74 21.58 12.45
CA TYR A 674 6.32 22.39 11.32
C TYR A 674 7.15 23.65 11.26
N LYS A 675 7.81 23.89 10.13
CA LYS A 675 8.59 25.10 9.93
C LYS A 675 7.73 26.24 9.38
N ALA A 676 6.78 25.93 8.51
CA ALA A 676 5.81 26.89 8.03
C ALA A 676 4.42 26.49 8.51
N THR A 677 3.59 27.47 8.85
CA THR A 677 2.27 27.24 9.40
C THR A 677 1.23 27.73 8.39
N GLY A 678 0.55 26.79 7.76
CA GLY A 678 -0.51 27.10 6.83
C GLY A 678 -1.88 27.03 7.49
N PRO A 679 -2.94 27.01 6.68
CA PRO A 679 -4.29 26.99 7.26
C PRO A 679 -4.55 25.79 8.17
N HIS A 680 -4.27 24.57 7.70
CA HIS A 680 -4.58 23.40 8.51
C HIS A 680 -3.64 23.25 9.70
N VAL A 681 -2.40 23.77 9.59
CA VAL A 681 -1.49 23.71 10.74
C VAL A 681 -1.90 24.73 11.80
N ALA A 682 -2.32 25.93 11.37
CA ALA A 682 -2.76 26.94 12.32
C ALA A 682 -4.00 26.49 13.09
N VAL A 683 -4.91 25.78 12.41
CA VAL A 683 -6.09 25.26 13.09
C VAL A 683 -5.70 24.15 14.07
N ALA A 684 -4.81 23.25 13.63
CA ALA A 684 -4.36 22.17 14.51
C ALA A 684 -3.67 22.73 15.75
N LYS A 685 -2.86 23.76 15.59
CA LYS A 685 -2.19 24.35 16.75
C LYS A 685 -3.19 25.01 17.69
N ARG A 686 -4.24 25.62 17.13
CA ARG A 686 -5.28 26.21 17.97
C ARG A 686 -6.09 25.12 18.68
N LEU A 687 -6.32 23.99 18.00
CA LEU A 687 -7.02 22.88 18.65
C LEU A 687 -6.18 22.27 19.76
N ALA A 688 -4.88 22.07 19.51
CA ALA A 688 -4.03 21.43 20.51
C ALA A 688 -3.89 22.29 21.75
N ALA A 689 -3.86 23.62 21.58
CA ALA A 689 -3.78 24.51 22.72
C ALA A 689 -5.00 24.44 23.62
N ARG A 690 -6.12 23.94 23.11
CA ARG A 690 -7.35 23.78 23.87
C ARG A 690 -7.51 22.37 24.44
N GLY A 691 -6.52 21.50 24.27
CA GLY A 691 -6.57 20.15 24.81
C GLY A 691 -6.85 19.07 23.80
N VAL A 692 -7.17 19.40 22.55
CA VAL A 692 -7.45 18.39 21.54
C VAL A 692 -6.15 17.67 21.20
N LYS A 693 -6.23 16.34 21.15
CA LYS A 693 -5.06 15.51 20.85
C LYS A 693 -4.79 15.54 19.35
N ILE A 694 -3.67 16.13 18.95
CA ILE A 694 -3.25 16.18 17.56
C ILE A 694 -2.03 15.29 17.39
N ARG A 695 -2.12 14.34 16.48
CA ARG A 695 -1.07 13.37 16.18
C ARG A 695 -0.89 13.28 14.68
N PRO A 696 0.25 12.78 14.22
CA PRO A 696 0.41 12.52 12.78
C PRO A 696 -0.68 11.59 12.27
N GLY A 697 -1.36 12.01 11.21
CA GLY A 697 -2.51 11.31 10.68
C GLY A 697 -3.84 11.97 11.00
N THR A 698 -3.85 12.90 11.96
CA THR A 698 -5.08 13.63 12.28
C THR A 698 -5.51 14.47 11.08
N VAL A 699 -6.77 14.32 10.69
CA VAL A 699 -7.33 15.07 9.57
C VAL A 699 -7.99 16.32 10.12
N ILE A 700 -7.53 17.48 9.65
CA ILE A 700 -8.09 18.76 10.05
C ILE A 700 -9.18 19.13 9.05
N SER A 701 -10.38 19.40 9.56
CA SER A 701 -11.52 19.79 8.73
C SER A 701 -11.89 21.22 9.08
N TYR A 702 -11.56 22.16 8.20
CA TYR A 702 -11.71 23.58 8.49
C TYR A 702 -12.53 24.28 7.41
N ILE A 703 -13.00 25.46 7.76
CA ILE A 703 -13.72 26.34 6.85
C ILE A 703 -13.11 27.73 6.97
N VAL A 704 -13.02 28.43 5.84
CA VAL A 704 -12.41 29.76 5.79
C VAL A 704 -13.50 30.80 5.94
N LEU A 705 -13.44 31.58 7.01
CA LEU A 705 -14.44 32.60 7.31
C LEU A 705 -14.00 33.96 6.78
N LYS A 706 -14.99 34.81 6.51
CA LYS A 706 -14.71 36.20 6.20
C LYS A 706 -14.11 36.88 7.41
N GLY A 707 -12.97 37.53 7.22
CA GLY A 707 -12.29 38.18 8.32
C GLY A 707 -11.10 38.99 7.87
N SER A 708 -9.98 38.85 8.57
CA SER A 708 -8.76 39.58 8.24
C SER A 708 -7.57 38.65 8.39
N GLY A 709 -6.45 39.07 7.82
CA GLY A 709 -5.21 38.33 7.93
C GLY A 709 -5.06 37.29 6.85
N ARG A 710 -4.14 36.36 7.09
CA ARG A 710 -3.88 35.29 6.15
C ARG A 710 -5.03 34.27 6.17
N ILE A 711 -4.96 33.31 5.25
CA ILE A 711 -5.99 32.28 5.20
C ILE A 711 -6.00 31.47 6.48
N GLY A 712 -4.81 31.17 7.02
CA GLY A 712 -4.73 30.51 8.32
C GLY A 712 -5.36 31.31 9.44
N ASP A 713 -5.30 32.65 9.36
CA ASP A 713 -5.92 33.48 10.39
C ASP A 713 -7.45 33.46 10.31
N ARG A 714 -8.00 33.17 9.13
CA ARG A 714 -9.45 33.14 8.93
C ARG A 714 -10.05 31.74 9.08
N ALA A 715 -9.23 30.70 9.04
CA ALA A 715 -9.74 29.33 9.10
C ALA A 715 -10.04 28.93 10.53
N ILE A 716 -11.14 28.20 10.70
CA ILE A 716 -11.50 27.60 11.98
C ILE A 716 -11.92 26.16 11.73
N SER A 717 -11.79 25.33 12.76
CA SER A 717 -12.28 23.96 12.66
C SER A 717 -13.78 23.97 12.43
N PHE A 718 -14.24 23.15 11.48
CA PHE A 718 -15.64 23.18 11.08
C PHE A 718 -16.56 22.73 12.21
N ASP A 719 -16.06 21.90 13.14
CA ASP A 719 -16.88 21.47 14.26
C ASP A 719 -17.26 22.62 15.17
N GLU A 720 -16.57 23.76 15.08
CA GLU A 720 -16.90 24.96 15.84
C GLU A 720 -17.64 26.00 15.02
N PHE A 721 -17.94 25.71 13.75
CA PHE A 721 -18.62 26.67 12.90
C PHE A 721 -20.06 26.86 13.36
N ASP A 722 -20.44 28.11 13.61
CA ASP A 722 -21.81 28.45 13.98
C ASP A 722 -22.34 29.48 13.00
N PRO A 723 -23.32 29.14 12.17
CA PRO A 723 -23.84 30.11 11.18
C PRO A 723 -24.43 31.36 11.82
N ALA A 724 -24.72 31.35 13.12
CA ALA A 724 -25.25 32.54 13.77
C ALA A 724 -24.18 33.58 14.05
N LYS A 725 -22.92 33.16 14.22
CA LYS A 725 -21.82 34.08 14.49
C LYS A 725 -20.77 34.10 13.40
N HIS A 726 -20.72 33.09 12.53
CA HIS A 726 -19.67 32.97 11.53
C HIS A 726 -20.26 33.08 10.13
N LYS A 727 -19.61 33.86 9.28
CA LYS A 727 -19.97 33.98 7.88
C LYS A 727 -18.76 33.62 7.04
N TYR A 728 -18.92 32.67 6.13
CA TYR A 728 -17.77 32.15 5.42
C TYR A 728 -17.27 33.15 4.37
N ASP A 729 -16.02 32.95 3.94
CA ASP A 729 -15.33 33.83 3.01
C ASP A 729 -15.73 33.45 1.59
N ALA A 730 -16.74 34.16 1.04
CA ALA A 730 -17.20 33.85 -0.30
C ALA A 730 -16.14 34.15 -1.35
N GLU A 731 -15.38 35.23 -1.17
CA GLU A 731 -14.33 35.57 -2.12
C GLU A 731 -13.24 34.51 -2.16
N TYR A 732 -12.92 33.92 -1.01
CA TYR A 732 -11.91 32.87 -0.99
C TYR A 732 -12.38 31.64 -1.74
N TYR A 733 -13.59 31.17 -1.45
CA TYR A 733 -14.06 29.95 -2.09
C TYR A 733 -14.28 30.12 -3.60
N ILE A 734 -14.47 31.35 -4.07
CA ILE A 734 -14.55 31.58 -5.51
C ILE A 734 -13.16 31.67 -6.12
N GLU A 735 -12.30 32.53 -5.57
CA GLU A 735 -11.00 32.81 -6.18
C GLU A 735 -9.98 31.71 -5.91
N ASN A 736 -10.03 31.07 -4.74
CA ASN A 736 -9.01 30.10 -4.37
C ASN A 736 -9.46 28.65 -4.48
N GLN A 737 -10.76 28.39 -4.58
CA GLN A 737 -11.25 27.01 -4.64
C GLN A 737 -11.93 26.70 -5.95
N VAL A 738 -13.04 27.36 -6.28
CA VAL A 738 -13.81 27.00 -7.46
C VAL A 738 -13.05 27.38 -8.73
N LEU A 739 -12.62 28.64 -8.83
CA LEU A 739 -12.01 29.11 -10.08
C LEU A 739 -10.75 28.34 -10.46
N PRO A 740 -9.76 28.13 -9.57
CA PRO A 740 -8.58 27.35 -10.00
C PRO A 740 -8.91 25.94 -10.44
N ALA A 741 -9.99 25.36 -9.94
CA ALA A 741 -10.37 24.00 -10.31
C ALA A 741 -11.00 23.91 -11.70
N VAL A 742 -11.44 25.02 -12.28
CA VAL A 742 -12.11 24.97 -13.57
C VAL A 742 -11.37 25.80 -14.62
N GLU A 743 -10.67 26.84 -14.18
CA GLU A 743 -10.04 27.76 -15.13
C GLU A 743 -8.93 27.06 -15.92
N ARG A 744 -8.11 26.25 -15.25
CA ARG A 744 -7.07 25.52 -15.96
C ARG A 744 -7.67 24.50 -16.92
N ILE A 745 -8.78 23.88 -16.54
CA ILE A 745 -9.43 22.92 -17.43
C ILE A 745 -9.95 23.61 -18.68
N LEU A 746 -10.62 24.76 -18.50
CA LEU A 746 -11.18 25.46 -19.66
C LEU A 746 -10.09 26.02 -20.55
N ARG A 747 -8.98 26.48 -19.95
CA ARG A 747 -7.87 26.98 -20.76
C ARG A 747 -7.20 25.84 -21.52
N ALA A 748 -7.04 24.68 -20.88
CA ALA A 748 -6.44 23.53 -21.55
C ALA A 748 -7.27 23.07 -22.75
N CYS A 749 -8.57 23.35 -22.73
CA CYS A 749 -9.41 23.06 -23.88
C CYS A 749 -9.39 24.18 -24.92
N GLY A 750 -8.69 25.27 -24.66
CA GLY A 750 -8.61 26.36 -25.60
C GLY A 750 -9.65 27.45 -25.41
N TYR A 751 -10.19 27.60 -24.20
CA TYR A 751 -11.26 28.56 -23.92
C TYR A 751 -10.87 29.32 -22.66
N ARG A 752 -10.23 30.48 -22.84
CA ARG A 752 -9.82 31.33 -21.73
C ARG A 752 -10.87 32.41 -21.57
N LYS A 753 -11.93 32.10 -20.82
CA LYS A 753 -13.01 33.05 -20.61
C LYS A 753 -12.59 34.10 -19.58
N GLU A 754 -12.70 35.37 -19.96
CA GLU A 754 -12.24 36.45 -19.09
C GLU A 754 -13.07 36.51 -17.81
N ASP A 755 -14.38 36.71 -17.95
CA ASP A 755 -15.26 36.85 -16.79
C ASP A 755 -16.02 35.55 -16.54
N LEU A 756 -15.28 34.55 -16.05
CA LEU A 756 -15.90 33.30 -15.64
C LEU A 756 -16.71 33.49 -14.37
N ARG A 757 -16.21 34.29 -13.44
CA ARG A 757 -16.83 34.45 -12.15
C ARG A 757 -18.01 35.42 -12.23
N TYR A 758 -18.96 35.23 -11.31
CA TYR A 758 -20.12 36.12 -11.23
C TYR A 758 -19.70 37.47 -10.69
N GLN A 759 -20.28 38.53 -11.26
CA GLN A 759 -19.94 39.93 -10.97
C GLN A 759 -18.46 40.12 -11.25
N LYS A 760 -17.63 40.44 -10.27
CA LYS A 760 -16.18 40.72 -10.43
C LYS A 760 -15.48 39.88 -11.49
#